data_1YU6
#
_entry.id   1YU6
#
_cell.length_a   110.256
_cell.length_b   100.971
_cell.length_c   115.785
_cell.angle_alpha   90.00
_cell.angle_beta   90.00
_cell.angle_gamma   90.00
#
_symmetry.space_group_name_H-M   'C 2 2 21'
#
loop_
_entity.id
_entity.type
_entity.pdbx_description
1 polymer 'Subtilisin Carlsberg'
2 polymer Ovomucoid
3 non-polymer 'CALCIUM ION'
4 water water
#
loop_
_entity_poly.entity_id
_entity_poly.type
_entity_poly.pdbx_seq_one_letter_code
_entity_poly.pdbx_strand_id
1 'polypeptide(L)'
;MAQTVPYGIPLIKADKVQAQGFKGANVKVAVLDTGIQASHPDLNVVGGASFVAGEAYNTDGNGHGTHVAGTVAALDNTTG
VLGVAPSVSLYAVKVLNSSGSGSYSGIVSGIEWATTNGMDVINMSLGGASGSTAMKQAVDNAYARGVVVVAAAGNSGNSG
STNTIGYPAKYDSVIAVGAVDSNSNRASFSSVGAELEVMAPGAGVYSTYPTNTYATLNGTSMASPHVAGAAALILSKHPN
LSASQVRNRLSSTATYLGSSFYYGKGLINVEAAAQ
;
A,B
2 'polypeptide(L)'
;VEVDCSRFPNTTNEEGKDVLVCTEDLRPICGTDGVTHSECLLCAYNIEYGTNISKEHDGECREAVPMDCSRYPNTTSEEG
KVMILCNKALNPVCGTDGVTYDNECVLCAHNLEQGTSVGKKHDGECRKELAAVSVDCSEYPKPACTLEYRPLCGSDNKTY
GNKCNFCNAVVESNGTLTLSHFGKC
;
C,D
#
# COMPACT_ATOMS: atom_id res chain seq x y z
N ALA A 2 5.38 -14.87 15.18
CA ALA A 2 3.91 -14.84 15.27
C ALA A 2 3.23 -13.46 15.52
N GLN A 3 3.86 -12.47 16.16
CA GLN A 3 3.41 -11.06 16.07
C GLN A 3 4.10 -10.36 14.89
N THR A 4 3.31 -9.55 14.18
CA THR A 4 3.72 -8.70 13.05
C THR A 4 3.78 -7.28 13.57
N VAL A 5 4.81 -6.52 13.21
CA VAL A 5 4.87 -5.08 13.51
C VAL A 5 4.42 -4.37 12.23
N PRO A 6 3.23 -3.77 12.24
CA PRO A 6 2.75 -3.05 11.05
C PRO A 6 3.71 -1.91 10.69
N TYR A 7 3.80 -1.56 9.41
CA TYR A 7 4.83 -0.67 8.91
C TYR A 7 4.78 0.72 9.50
N GLY A 8 3.61 1.14 9.95
CA GLY A 8 3.46 2.46 10.51
C GLY A 8 4.20 2.68 11.81
N ILE A 9 4.41 1.61 12.59
CA ILE A 9 5.12 1.70 13.83
C ILE A 9 6.53 2.15 13.67
N PRO A 10 7.38 1.44 12.90
CA PRO A 10 8.73 1.96 12.64
C PRO A 10 8.74 3.25 11.80
N LEU A 11 7.76 3.48 10.93
CA LEU A 11 7.78 4.67 10.08
C LEU A 11 7.70 5.97 10.90
N ILE A 12 6.83 5.99 11.92
CA ILE A 12 6.74 7.12 12.84
C ILE A 12 7.76 7.06 13.99
N LYS A 13 8.57 6.00 14.04
CA LYS A 13 9.62 5.80 15.05
C LYS A 13 9.06 5.53 16.47
N ALA A 14 7.84 5.00 16.52
CA ALA A 14 7.25 4.54 17.78
C ALA A 14 8.03 3.40 18.38
N ASP A 15 8.63 2.53 17.56
CA ASP A 15 9.49 1.47 18.10
C ASP A 15 10.66 2.01 18.91
N LYS A 16 11.21 3.13 18.50
CA LYS A 16 12.32 3.74 19.25
C LYS A 16 11.88 4.21 20.63
N VAL A 17 10.69 4.78 20.73
CA VAL A 17 10.17 5.23 22.02
C VAL A 17 9.79 4.03 22.93
N GLN A 18 9.16 3.01 22.35
CA GLN A 18 8.87 1.76 23.07
C GLN A 18 10.14 1.11 23.63
N ALA A 19 11.26 1.23 22.93
CA ALA A 19 12.54 0.65 23.37
C ALA A 19 13.10 1.37 24.60
N GLN A 20 12.77 2.65 24.76
CA GLN A 20 13.05 3.41 26.01
C GLN A 20 12.14 2.99 27.18
N GLY A 21 11.09 2.22 26.91
CA GLY A 21 10.21 1.69 27.94
C GLY A 21 8.85 2.38 27.96
N PHE A 22 8.69 3.46 27.17
CA PHE A 22 7.47 4.27 27.16
C PHE A 22 6.53 3.74 26.09
N LYS A 23 5.43 3.15 26.55
CA LYS A 23 4.47 2.43 25.74
C LYS A 23 3.03 2.91 25.96
N GLY A 24 2.82 4.02 26.68
CA GLY A 24 1.50 4.56 26.93
C GLY A 24 0.84 4.15 28.24
N ALA A 25 1.57 3.50 29.15
CA ALA A 25 0.97 3.02 30.41
C ALA A 25 0.37 4.18 31.19
N ASN A 26 -0.81 3.93 31.74
CA ASN A 26 -1.62 4.92 32.49
C ASN A 26 -2.22 6.09 31.67
N VAL A 27 -2.00 6.11 30.36
CA VAL A 27 -2.55 7.15 29.51
C VAL A 27 -3.88 6.62 28.99
N LYS A 28 -4.93 7.43 29.13
CA LYS A 28 -6.28 7.06 28.75
C LYS A 28 -6.59 7.60 27.38
N VAL A 29 -6.88 6.70 26.43
CA VAL A 29 -7.20 7.08 25.06
C VAL A 29 -8.61 6.59 24.73
N ALA A 30 -9.48 7.52 24.36
CA ALA A 30 -10.84 7.22 23.95
C ALA A 30 -10.88 7.18 22.41
N VAL A 31 -11.33 6.05 21.88
CA VAL A 31 -11.55 5.86 20.44
C VAL A 31 -13.05 6.05 20.22
N LEU A 32 -13.40 7.22 19.68
CA LEU A 32 -14.80 7.60 19.36
C LEU A 32 -15.08 7.07 17.97
N ASP A 33 -15.85 5.99 17.88
CA ASP A 33 -15.97 5.23 16.64
C ASP A 33 -17.18 4.27 16.64
N THR A 34 -17.10 3.16 15.92
CA THR A 34 -18.17 2.17 15.82
C THR A 34 -18.13 1.12 16.97
N GLY A 35 -17.46 1.43 18.08
CA GLY A 35 -17.17 0.49 19.13
C GLY A 35 -15.83 -0.17 18.94
N ILE A 36 -15.51 -1.10 19.83
CA ILE A 36 -14.30 -1.92 19.72
C ILE A 36 -14.68 -3.34 20.12
N GLN A 37 -14.18 -4.34 19.42
CA GLN A 37 -14.44 -5.72 19.81
C GLN A 37 -13.53 -6.02 21.00
N ALA A 38 -14.05 -5.82 22.20
CA ALA A 38 -13.26 -5.94 23.42
C ALA A 38 -12.75 -7.36 23.63
N SER A 39 -13.49 -8.36 23.17
CA SER A 39 -13.09 -9.75 23.26
C SER A 39 -12.02 -10.18 22.24
N HIS A 40 -11.50 -9.24 21.44
CA HIS A 40 -10.41 -9.54 20.51
C HIS A 40 -9.18 -9.97 21.34
N PRO A 41 -8.47 -11.04 20.95
CA PRO A 41 -7.27 -11.47 21.71
C PRO A 41 -6.14 -10.45 21.77
N ASP A 42 -6.09 -9.54 20.81
CA ASP A 42 -5.06 -8.53 20.75
C ASP A 42 -5.47 -7.14 21.22
N LEU A 43 -6.59 -7.01 21.93
CA LEU A 43 -6.99 -5.72 22.53
C LEU A 43 -7.51 -5.89 23.96
N ASN A 44 -7.14 -4.95 24.83
CA ASN A 44 -7.71 -4.78 26.17
C ASN A 44 -8.49 -3.48 26.20
N VAL A 45 -9.81 -3.55 26.36
CA VAL A 45 -10.68 -2.40 26.54
C VAL A 45 -11.07 -2.35 28.01
N VAL A 46 -10.71 -1.27 28.69
CA VAL A 46 -10.92 -1.12 30.15
C VAL A 46 -12.20 -0.33 30.52
N GLY A 47 -12.83 0.31 29.54
CA GLY A 47 -14.05 1.06 29.81
C GLY A 47 -14.60 1.73 28.58
N GLY A 48 -15.56 2.60 28.80
CA GLY A 48 -16.20 3.29 27.71
C GLY A 48 -17.68 3.58 27.92
N ALA A 49 -18.34 3.95 26.83
CA ALA A 49 -19.75 4.30 26.85
C ALA A 49 -20.34 4.22 25.45
N SER A 50 -21.65 3.96 25.36
CA SER A 50 -22.35 3.92 24.09
C SER A 50 -23.39 5.01 24.00
N PHE A 51 -23.44 5.66 22.85
CA PHE A 51 -24.46 6.67 22.51
C PHE A 51 -25.20 6.30 21.24
N VAL A 52 -25.20 5.00 20.93
CA VAL A 52 -25.96 4.43 19.84
C VAL A 52 -26.98 3.50 20.49
N ALA A 53 -28.28 3.81 20.35
CA ALA A 53 -29.34 3.00 20.96
C ALA A 53 -29.27 1.54 20.51
N GLY A 54 -29.39 0.61 21.46
CA GLY A 54 -29.38 -0.82 21.16
C GLY A 54 -28.03 -1.46 20.83
N GLU A 55 -26.94 -0.74 21.07
CA GLU A 55 -25.57 -1.24 20.86
C GLU A 55 -24.74 -0.98 22.13
N ALA A 56 -23.97 -1.99 22.55
CA ALA A 56 -23.07 -1.88 23.72
C ALA A 56 -21.78 -1.21 23.28
N TYR A 57 -21.07 -0.61 24.22
CA TYR A 57 -19.79 0.05 23.92
C TYR A 57 -18.66 -0.92 23.50
N ASN A 58 -18.69 -2.11 24.07
CA ASN A 58 -17.61 -3.12 23.94
C ASN A 58 -17.81 -4.18 22.84
N THR A 59 -18.67 -3.88 21.86
CA THR A 59 -18.82 -4.64 20.62
C THR A 59 -18.66 -3.71 19.43
N ASP A 60 -18.39 -4.31 18.29
CA ASP A 60 -18.20 -3.58 17.04
C ASP A 60 -18.75 -4.44 15.88
N GLY A 61 -19.95 -4.09 15.43
CA GLY A 61 -20.56 -4.65 14.24
C GLY A 61 -20.12 -4.15 12.89
N ASN A 62 -19.27 -3.11 12.85
CA ASN A 62 -18.68 -2.60 11.60
C ASN A 62 -17.26 -3.17 11.33
N GLY A 63 -16.39 -3.00 12.30
CA GLY A 63 -14.99 -3.41 12.23
C GLY A 63 -14.04 -2.22 12.25
N HIS A 64 -14.51 -1.05 11.87
CA HIS A 64 -13.69 0.11 11.71
C HIS A 64 -13.08 0.58 13.05
N GLY A 65 -13.88 0.67 14.08
CA GLY A 65 -13.39 1.07 15.40
C GLY A 65 -12.36 0.12 15.96
N THR A 66 -12.53 -1.16 15.70
CA THR A 66 -11.60 -2.19 16.15
C THR A 66 -10.24 -2.04 15.44
N HIS A 67 -10.26 -1.69 14.15
CA HIS A 67 -9.05 -1.48 13.34
C HIS A 67 -8.30 -0.27 13.87
N VAL A 68 -9.03 0.84 14.05
CA VAL A 68 -8.47 2.09 14.58
C VAL A 68 -7.85 1.84 15.94
N ALA A 69 -8.55 1.11 16.79
CA ALA A 69 -8.07 0.85 18.15
C ALA A 69 -6.79 0.02 18.14
N GLY A 70 -6.63 -0.90 17.20
CA GLY A 70 -5.43 -1.72 17.14
C GLY A 70 -4.22 -0.96 16.66
N THR A 71 -4.40 0.07 15.86
CA THR A 71 -3.30 0.92 15.48
C THR A 71 -2.81 1.68 16.70
N VAL A 72 -3.73 2.13 17.53
CA VAL A 72 -3.36 2.81 18.77
C VAL A 72 -2.69 1.83 19.72
N ALA A 73 -3.28 0.67 19.92
CA ALA A 73 -3.09 -0.09 21.18
C ALA A 73 -3.09 -1.61 21.08
N ALA A 74 -2.89 -2.20 19.90
CA ALA A 74 -2.82 -3.66 19.84
C ALA A 74 -1.71 -4.17 20.80
N LEU A 75 -2.00 -5.23 21.50
CA LEU A 75 -1.16 -5.69 22.57
C LEU A 75 0.16 -6.28 22.07
N ASP A 76 1.21 -6.09 22.86
CA ASP A 76 2.54 -6.60 22.59
C ASP A 76 2.62 -8.02 23.18
N ASN A 77 2.55 -8.99 22.30
CA ASN A 77 2.47 -10.41 22.65
C ASN A 77 2.97 -11.25 21.46
N THR A 78 2.63 -12.54 21.42
CA THR A 78 3.07 -13.43 20.33
C THR A 78 2.04 -13.59 19.24
N THR A 79 1.13 -12.65 19.07
CA THR A 79 0.12 -12.79 18.03
C THR A 79 -0.28 -11.46 17.43
N GLY A 80 -0.91 -11.52 16.28
CA GLY A 80 -1.52 -10.36 15.71
C GLY A 80 -0.57 -9.25 15.35
N VAL A 81 -0.90 -8.05 15.76
CA VAL A 81 -0.15 -6.83 15.41
C VAL A 81 0.37 -6.17 16.70
N LEU A 82 0.89 -4.96 16.57
CA LEU A 82 1.45 -4.20 17.69
C LEU A 82 1.01 -2.74 17.53
N GLY A 83 0.42 -2.17 18.57
CA GLY A 83 0.00 -0.77 18.52
C GLY A 83 1.16 0.17 18.69
N VAL A 84 0.92 1.42 18.35
CA VAL A 84 1.84 2.52 18.61
C VAL A 84 2.15 2.65 20.10
N ALA A 85 1.13 2.55 20.94
CA ALA A 85 1.19 2.72 22.38
C ALA A 85 0.48 1.52 23.01
N PRO A 86 1.15 0.35 23.02
CA PRO A 86 0.49 -0.92 23.38
C PRO A 86 0.10 -1.10 24.86
N SER A 87 0.53 -0.21 25.73
CA SER A 87 0.16 -0.26 27.17
C SER A 87 -0.92 0.77 27.52
N VAL A 88 -1.49 1.44 26.54
CA VAL A 88 -2.55 2.43 26.74
C VAL A 88 -3.77 1.81 27.44
N SER A 89 -4.39 2.58 28.32
CA SER A 89 -5.75 2.31 28.81
C SER A 89 -6.73 2.76 27.73
N LEU A 90 -7.37 1.80 27.10
CA LEU A 90 -8.20 2.00 25.93
C LEU A 90 -9.68 2.00 26.28
N TYR A 91 -10.39 3.04 25.83
CA TYR A 91 -11.81 3.24 26.11
C TYR A 91 -12.56 3.27 24.79
N ALA A 92 -13.58 2.43 24.67
CA ALA A 92 -14.42 2.38 23.48
C ALA A 92 -15.62 3.31 23.72
N VAL A 93 -15.67 4.39 22.96
CA VAL A 93 -16.79 5.35 23.01
C VAL A 93 -17.57 5.22 21.70
N LYS A 94 -18.67 4.47 21.72
CA LYS A 94 -19.44 4.19 20.52
C LYS A 94 -20.35 5.39 20.16
N VAL A 95 -19.97 6.10 19.11
CA VAL A 95 -20.73 7.24 18.56
C VAL A 95 -21.26 7.03 17.12
N LEU A 96 -20.84 5.93 16.48
CA LEU A 96 -21.29 5.52 15.15
C LEU A 96 -21.89 4.09 15.26
N ASN A 97 -22.95 3.83 14.48
CA ASN A 97 -23.58 2.50 14.44
C ASN A 97 -22.75 1.51 13.63
N SER A 98 -23.27 0.30 13.46
CA SER A 98 -22.58 -0.75 12.71
C SER A 98 -22.46 -0.46 11.21
N SER A 99 -23.32 0.42 10.67
CA SER A 99 -23.15 0.92 9.29
C SER A 99 -22.02 1.97 9.11
N GLY A 100 -21.43 2.44 10.21
CA GLY A 100 -20.35 3.40 10.16
C GLY A 100 -20.82 4.83 9.91
N SER A 101 -22.08 5.11 10.29
CA SER A 101 -22.61 6.47 10.20
C SER A 101 -23.19 6.89 11.54
N GLY A 102 -23.54 8.15 11.66
CA GLY A 102 -23.97 8.69 12.94
C GLY A 102 -24.43 10.12 12.86
N SER A 103 -24.99 10.60 13.96
CA SER A 103 -25.44 11.99 14.05
C SER A 103 -24.36 12.76 14.78
N TYR A 104 -24.34 14.06 14.57
CA TYR A 104 -23.44 14.93 15.32
C TYR A 104 -23.76 14.98 16.79
N SER A 105 -25.03 14.80 17.17
CA SER A 105 -25.40 14.73 18.60
C SER A 105 -24.72 13.54 19.33
N GLY A 106 -24.57 12.40 18.62
CA GLY A 106 -23.87 11.25 19.14
C GLY A 106 -22.37 11.48 19.35
N ILE A 107 -21.75 12.20 18.41
CA ILE A 107 -20.32 12.53 18.53
C ILE A 107 -20.09 13.49 19.70
N VAL A 108 -20.95 14.49 19.84
CA VAL A 108 -20.87 15.47 20.94
C VAL A 108 -21.00 14.76 22.27
N SER A 109 -21.95 13.85 22.40
CA SER A 109 -22.12 13.04 23.60
C SER A 109 -20.84 12.29 23.93
N GLY A 110 -20.17 11.73 22.92
CA GLY A 110 -18.91 11.02 23.11
C GLY A 110 -17.76 11.89 23.55
N ILE A 111 -17.65 13.08 22.97
CA ILE A 111 -16.61 14.03 23.31
C ILE A 111 -16.83 14.48 24.76
N GLU A 112 -18.08 14.74 25.13
CA GLU A 112 -18.41 15.19 26.48
C GLU A 112 -18.08 14.10 27.50
N TRP A 113 -18.43 12.85 27.19
CA TRP A 113 -18.09 11.74 28.03
C TRP A 113 -16.57 11.68 28.25
N ALA A 114 -15.82 11.81 27.17
CA ALA A 114 -14.37 11.69 27.22
C ALA A 114 -13.77 12.80 28.08
N THR A 115 -14.34 14.00 28.01
CA THR A 115 -13.83 15.15 28.75
C THR A 115 -14.15 14.99 30.25
N THR A 116 -15.39 14.63 30.56
CA THR A 116 -15.85 14.36 31.92
C THR A 116 -15.08 13.25 32.63
N ASN A 117 -14.69 12.21 31.87
CA ASN A 117 -14.05 11.03 32.43
C ASN A 117 -12.52 11.08 32.38
N GLY A 118 -11.96 12.25 32.08
CA GLY A 118 -10.54 12.48 32.25
C GLY A 118 -9.66 11.76 31.22
N MET A 119 -10.18 11.58 30.01
CA MET A 119 -9.37 11.07 28.91
C MET A 119 -8.24 12.04 28.61
N ASP A 120 -7.06 11.46 28.33
CA ASP A 120 -5.89 12.21 27.95
C ASP A 120 -5.85 12.51 26.47
N VAL A 121 -6.37 11.59 25.65
CA VAL A 121 -6.37 11.69 24.19
C VAL A 121 -7.74 11.22 23.65
N ILE A 122 -8.31 11.97 22.71
CA ILE A 122 -9.47 11.52 21.92
C ILE A 122 -9.00 11.29 20.50
N ASN A 123 -9.38 10.16 19.92
CA ASN A 123 -9.23 9.89 18.51
C ASN A 123 -10.60 9.85 17.85
N MET A 124 -10.75 10.62 16.77
CA MET A 124 -11.94 10.64 15.93
C MET A 124 -11.58 10.35 14.48
N SER A 125 -11.62 9.07 14.11
CA SER A 125 -11.42 8.62 12.75
C SER A 125 -12.75 8.71 12.00
N LEU A 126 -13.23 9.93 11.89
CA LEU A 126 -14.57 10.22 11.43
C LEU A 126 -14.70 11.69 11.06
N GLY A 127 -15.73 11.99 10.29
CA GLY A 127 -15.99 13.34 9.90
C GLY A 127 -17.22 13.51 9.04
N GLY A 128 -17.71 14.74 8.97
CA GLY A 128 -18.74 15.12 8.03
C GLY A 128 -18.36 16.35 7.25
N ALA A 129 -19.17 16.64 6.24
CA ALA A 129 -18.88 17.69 5.26
C ALA A 129 -19.08 19.10 5.81
N SER A 130 -19.98 19.25 6.79
CA SER A 130 -20.26 20.56 7.40
C SER A 130 -20.07 20.53 8.90
N GLY A 131 -19.82 21.70 9.47
CA GLY A 131 -19.65 21.82 10.91
C GLY A 131 -20.98 21.87 11.61
N SER A 132 -20.95 21.72 12.91
CA SER A 132 -22.08 22.14 13.76
C SER A 132 -21.50 22.91 14.94
N THR A 133 -22.26 23.87 15.47
CA THR A 133 -21.73 24.68 16.58
C THR A 133 -21.60 23.82 17.83
N ALA A 134 -22.50 22.85 18.02
CA ALA A 134 -22.42 21.91 19.14
C ALA A 134 -21.11 21.10 19.12
N MET A 135 -20.71 20.68 17.93
CA MET A 135 -19.47 19.90 17.74
C MET A 135 -18.27 20.75 18.03
N LYS A 136 -18.29 22.00 17.57
CA LYS A 136 -17.21 22.92 17.78
C LYS A 136 -17.07 23.23 19.25
N GLN A 137 -18.17 23.48 19.94
CA GLN A 137 -18.16 23.76 21.37
C GLN A 137 -17.57 22.59 22.15
N ALA A 138 -17.88 21.36 21.75
CA ALA A 138 -17.44 20.16 22.44
C ALA A 138 -15.93 19.94 22.28
N VAL A 139 -15.41 20.05 21.06
CA VAL A 139 -13.96 19.87 20.85
C VAL A 139 -13.15 21.02 21.42
N ASP A 140 -13.70 22.24 21.40
CA ASP A 140 -13.01 23.40 21.97
C ASP A 140 -12.87 23.25 23.47
N ASN A 141 -13.94 22.77 24.10
CA ASN A 141 -13.94 22.54 25.53
C ASN A 141 -13.00 21.41 25.90
N ALA A 142 -12.97 20.34 25.13
CA ALA A 142 -12.12 19.19 25.46
C ALA A 142 -10.64 19.62 25.43
N TYR A 143 -10.24 20.29 24.36
CA TYR A 143 -8.89 20.81 24.23
C TYR A 143 -8.53 21.80 25.37
N ALA A 144 -9.45 22.72 25.69
CA ALA A 144 -9.26 23.69 26.77
C ALA A 144 -9.06 23.03 28.14
N ARG A 145 -9.72 21.89 28.36
CA ARG A 145 -9.59 21.10 29.60
C ARG A 145 -8.36 20.17 29.62
N GLY A 146 -7.59 20.15 28.53
CA GLY A 146 -6.30 19.47 28.47
C GLY A 146 -6.30 18.10 27.78
N VAL A 147 -7.33 17.83 26.98
CA VAL A 147 -7.41 16.63 26.15
C VAL A 147 -6.75 16.91 24.81
N VAL A 148 -5.85 16.02 24.37
CA VAL A 148 -5.31 16.07 23.02
C VAL A 148 -6.34 15.46 22.10
N VAL A 149 -6.90 16.27 21.19
CA VAL A 149 -7.96 15.85 20.29
C VAL A 149 -7.41 15.69 18.86
N VAL A 150 -7.56 14.48 18.32
CA VAL A 150 -6.98 14.05 17.04
C VAL A 150 -8.09 13.55 16.15
N ALA A 151 -8.07 13.94 14.88
CA ALA A 151 -9.06 13.46 13.93
C ALA A 151 -8.49 13.29 12.54
N ALA A 152 -9.08 12.35 11.80
CA ALA A 152 -8.78 12.16 10.40
C ALA A 152 -9.17 13.42 9.61
N ALA A 153 -8.29 13.86 8.73
CA ALA A 153 -8.49 15.10 7.98
C ALA A 153 -9.61 14.98 6.97
N GLY A 154 -9.82 13.78 6.42
CA GLY A 154 -10.83 13.55 5.39
C GLY A 154 -10.23 12.83 4.18
N ASN A 155 -11.10 12.19 3.39
CA ASN A 155 -10.69 11.43 2.18
C ASN A 155 -11.28 12.02 0.91
N SER A 156 -11.33 13.34 0.85
CA SER A 156 -11.95 14.05 -0.28
C SER A 156 -10.94 14.43 -1.39
N GLY A 157 -9.68 14.09 -1.19
CA GLY A 157 -8.63 14.28 -2.17
C GLY A 157 -8.33 15.75 -2.38
N ASN A 158 -7.82 16.07 -3.56
CA ASN A 158 -7.57 17.45 -3.96
C ASN A 158 -8.22 17.76 -5.32
N SER A 159 -8.48 19.03 -5.54
CA SER A 159 -9.08 19.52 -6.77
C SER A 159 -8.66 20.97 -6.89
N GLY A 160 -7.52 21.20 -7.55
CA GLY A 160 -6.94 22.53 -7.63
C GLY A 160 -6.59 23.11 -6.26
N SER A 161 -7.07 24.33 -5.99
CA SER A 161 -6.80 25.04 -4.73
C SER A 161 -7.91 24.89 -3.66
N THR A 162 -8.88 24.00 -3.91
CA THR A 162 -10.03 23.81 -3.03
C THR A 162 -9.63 23.15 -1.71
N ASN A 163 -10.16 23.69 -0.61
CA ASN A 163 -10.00 23.12 0.73
C ASN A 163 -11.02 21.97 0.90
N THR A 164 -10.52 20.75 1.17
CA THR A 164 -11.37 19.56 1.34
C THR A 164 -11.26 18.92 2.73
N ILE A 165 -10.74 19.67 3.70
CA ILE A 165 -10.71 19.23 5.10
C ILE A 165 -12.14 19.23 5.65
N GLY A 166 -12.54 18.15 6.29
CA GLY A 166 -13.84 18.04 6.92
C GLY A 166 -13.81 18.34 8.42
N TYR A 167 -14.93 18.11 9.08
CA TYR A 167 -15.15 18.44 10.48
C TYR A 167 -15.32 17.16 11.30
N PRO A 168 -14.82 17.07 12.52
CA PRO A 168 -14.17 18.13 13.30
C PRO A 168 -12.71 18.45 13.02
N ALA A 169 -12.04 17.75 12.11
CA ALA A 169 -10.62 18.04 11.83
C ALA A 169 -10.33 19.52 11.54
N LYS A 170 -11.27 20.22 10.88
CA LYS A 170 -11.05 21.61 10.46
C LYS A 170 -11.02 22.60 11.61
N TYR A 171 -11.57 22.23 12.77
CA TYR A 171 -11.57 23.09 13.95
C TYR A 171 -10.16 23.21 14.48
N ASP A 172 -9.81 24.42 14.89
CA ASP A 172 -8.47 24.71 15.38
C ASP A 172 -8.11 24.04 16.69
N SER A 173 -9.10 23.52 17.44
CA SER A 173 -8.86 22.73 18.66
C SER A 173 -8.50 21.22 18.41
N VAL A 174 -8.48 20.80 17.14
CA VAL A 174 -8.35 19.41 16.73
C VAL A 174 -7.17 19.29 15.76
N ILE A 175 -6.35 18.27 15.93
CA ILE A 175 -5.23 18.01 15.05
C ILE A 175 -5.77 17.23 13.84
N ALA A 176 -5.73 17.85 12.66
CA ALA A 176 -6.14 17.26 11.40
C ALA A 176 -5.00 16.44 10.82
N VAL A 177 -5.23 15.15 10.61
CA VAL A 177 -4.17 14.20 10.24
C VAL A 177 -4.45 13.66 8.82
N GLY A 178 -3.56 13.96 7.88
CA GLY A 178 -3.59 13.36 6.55
C GLY A 178 -2.83 12.05 6.48
N ALA A 179 -2.87 11.42 5.31
CA ALA A 179 -2.39 10.06 5.07
C ALA A 179 -1.24 10.00 4.08
N VAL A 180 -0.18 9.29 4.47
CA VAL A 180 0.88 8.87 3.59
C VAL A 180 0.88 7.34 3.50
N ASP A 181 1.68 6.82 2.57
CA ASP A 181 1.85 5.39 2.37
C ASP A 181 3.24 4.96 2.87
N SER A 182 3.61 3.71 2.60
CA SER A 182 4.82 3.15 3.18
C SER A 182 6.10 3.68 2.53
N ASN A 183 5.99 4.34 1.38
CA ASN A 183 7.11 5.11 0.79
C ASN A 183 7.13 6.59 1.22
N SER A 184 6.28 6.94 2.19
CA SER A 184 6.10 8.31 2.71
C SER A 184 5.56 9.30 1.69
N ASN A 185 4.85 8.79 0.69
CA ASN A 185 4.15 9.63 -0.30
C ASN A 185 2.71 9.88 0.13
N ARG A 186 2.19 11.07 -0.12
CA ARG A 186 0.81 11.36 0.18
C ARG A 186 -0.11 10.45 -0.61
N ALA A 187 -1.11 9.89 0.08
CA ALA A 187 -2.19 9.15 -0.57
C ALA A 187 -3.07 10.11 -1.31
N SER A 188 -3.48 9.74 -2.52
CA SER A 188 -4.28 10.60 -3.42
C SER A 188 -5.61 11.07 -2.80
N PHE A 189 -6.21 10.22 -1.98
CA PHE A 189 -7.47 10.53 -1.30
C PHE A 189 -7.33 11.52 -0.12
N SER A 190 -6.15 11.70 0.41
CA SER A 190 -5.93 12.52 1.60
C SER A 190 -6.38 14.00 1.40
N SER A 191 -7.26 14.48 2.27
CA SER A 191 -7.76 15.85 2.16
C SER A 191 -6.64 16.90 2.35
N VAL A 192 -6.88 18.10 1.82
CA VAL A 192 -5.90 19.15 1.71
C VAL A 192 -6.48 20.48 2.15
N GLY A 193 -5.62 21.40 2.52
CA GLY A 193 -6.05 22.73 2.98
C GLY A 193 -5.22 23.25 4.12
N ALA A 194 -5.53 24.49 4.48
CA ALA A 194 -4.79 25.24 5.50
C ALA A 194 -4.73 24.55 6.88
N GLU A 195 -5.79 23.83 7.23
CA GLU A 195 -5.94 23.26 8.56
C GLU A 195 -5.20 21.92 8.69
N LEU A 196 -4.82 21.32 7.56
CA LEU A 196 -4.00 20.10 7.59
C LEU A 196 -2.75 20.35 8.44
N GLU A 197 -2.51 19.48 9.41
CA GLU A 197 -1.54 19.73 10.48
C GLU A 197 -0.33 18.81 10.40
N VAL A 198 -0.57 17.51 10.33
CA VAL A 198 0.52 16.49 10.19
C VAL A 198 0.01 15.34 9.35
N MET A 199 0.93 14.48 8.92
CA MET A 199 0.61 13.22 8.22
C MET A 199 1.05 12.04 9.05
N ALA A 200 0.40 10.92 8.81
CA ALA A 200 0.78 9.63 9.37
C ALA A 200 0.38 8.52 8.39
N PRO A 201 0.82 7.29 8.60
CA PRO A 201 0.46 6.18 7.70
C PRO A 201 -1.05 5.89 7.61
N GLY A 202 -1.62 6.00 6.42
CA GLY A 202 -3.02 5.71 6.17
C GLY A 202 -3.32 4.86 4.94
N ALA A 203 -2.31 4.37 4.23
CA ALA A 203 -2.51 3.48 3.10
C ALA A 203 -2.02 2.09 3.46
N GLY A 204 -2.87 1.10 3.28
CA GLY A 204 -2.53 -0.28 3.47
C GLY A 204 -2.11 -0.57 4.88
N VAL A 205 -2.92 -0.12 5.83
CA VAL A 205 -2.62 -0.29 7.25
C VAL A 205 -3.26 -1.57 7.81
N TYR A 206 -2.42 -2.44 8.37
CA TYR A 206 -2.82 -3.71 8.93
C TYR A 206 -3.05 -3.56 10.41
N SER A 207 -4.19 -4.05 10.88
CA SER A 207 -4.59 -3.96 12.27
C SER A 207 -5.64 -5.00 12.62
N THR A 208 -6.06 -4.97 13.87
CA THR A 208 -7.14 -5.81 14.39
C THR A 208 -8.48 -5.56 13.66
N TYR A 209 -9.29 -6.60 13.60
CA TYR A 209 -10.58 -6.54 12.91
C TYR A 209 -11.48 -7.63 13.50
N PRO A 210 -12.78 -7.38 13.70
CA PRO A 210 -13.63 -8.44 14.23
C PRO A 210 -13.91 -9.51 13.17
N THR A 211 -14.13 -10.78 13.55
CA THR A 211 -14.08 -11.30 14.92
C THR A 211 -12.77 -12.01 15.10
N ASN A 212 -11.95 -11.54 16.05
CA ASN A 212 -10.68 -12.18 16.37
C ASN A 212 -9.70 -12.31 15.19
N THR A 213 -9.77 -11.37 14.26
CA THR A 213 -8.96 -11.44 13.06
C THR A 213 -8.27 -10.10 12.79
N TYR A 214 -7.83 -9.91 11.55
CA TYR A 214 -7.00 -8.78 11.13
C TYR A 214 -7.41 -8.39 9.71
N ALA A 215 -7.18 -7.14 9.36
CA ALA A 215 -7.53 -6.60 8.06
C ALA A 215 -6.64 -5.43 7.69
N THR A 216 -6.54 -5.17 6.39
CA THR A 216 -5.79 -4.07 5.81
C THR A 216 -6.77 -3.08 5.20
N LEU A 217 -6.76 -1.85 5.70
CA LEU A 217 -7.66 -0.79 5.28
C LEU A 217 -6.89 0.48 4.88
N ASN A 218 -7.53 1.30 4.08
CA ASN A 218 -7.03 2.59 3.65
C ASN A 218 -7.90 3.70 4.21
N GLY A 219 -7.31 4.86 4.46
CA GLY A 219 -8.05 6.06 4.85
C GLY A 219 -7.30 6.96 5.81
N THR A 220 -7.69 8.23 5.89
CA THR A 220 -7.16 9.10 6.96
C THR A 220 -7.60 8.58 8.34
N SER A 221 -8.67 7.79 8.39
CA SER A 221 -9.02 7.00 9.57
C SER A 221 -7.90 6.17 10.17
N MET A 222 -7.05 5.63 9.31
CA MET A 222 -5.92 4.79 9.70
C MET A 222 -4.73 5.65 10.14
N ALA A 223 -4.59 6.86 9.59
CA ALA A 223 -3.55 7.79 9.97
C ALA A 223 -3.75 8.41 11.34
N SER A 224 -4.97 8.86 11.61
CA SER A 224 -5.32 9.47 12.88
C SER A 224 -4.85 8.68 14.13
N PRO A 225 -5.16 7.37 14.29
CA PRO A 225 -4.69 6.62 15.46
C PRO A 225 -3.19 6.52 15.61
N HIS A 226 -2.41 6.64 14.52
CA HIS A 226 -0.94 6.70 14.65
C HIS A 226 -0.56 7.93 15.47
N VAL A 227 -1.23 9.05 15.22
CA VAL A 227 -0.99 10.31 15.94
C VAL A 227 -1.55 10.27 17.36
N ALA A 228 -2.73 9.69 17.55
CA ALA A 228 -3.30 9.55 18.89
C ALA A 228 -2.39 8.70 19.74
N GLY A 229 -1.88 7.62 19.16
CA GLY A 229 -0.95 6.76 19.88
C GLY A 229 0.37 7.47 20.16
N ALA A 230 0.83 8.30 19.24
CA ALA A 230 2.08 9.05 19.42
C ALA A 230 1.91 10.04 20.58
N ALA A 231 0.75 10.69 20.66
CA ALA A 231 0.43 11.57 21.79
C ALA A 231 0.49 10.83 23.10
N ALA A 232 -0.02 9.60 23.13
CA ALA A 232 0.00 8.77 24.33
C ALA A 232 1.44 8.38 24.72
N LEU A 233 2.30 8.11 23.74
CA LEU A 233 3.72 7.81 24.03
C LEU A 233 4.40 9.00 24.64
N ILE A 234 4.14 10.18 24.10
CA ILE A 234 4.73 11.41 24.60
C ILE A 234 4.31 11.64 26.06
N LEU A 235 3.03 11.42 26.37
CA LEU A 235 2.53 11.61 27.74
C LEU A 235 3.01 10.53 28.71
N SER A 236 3.29 9.33 28.22
CA SER A 236 3.80 8.28 29.10
C SER A 236 5.22 8.61 29.54
N LYS A 237 5.99 9.29 28.68
CA LYS A 237 7.34 9.73 29.00
C LYS A 237 7.36 11.06 29.79
N HIS A 238 6.44 11.96 29.45
CA HIS A 238 6.39 13.35 29.95
C HIS A 238 4.94 13.57 30.44
N PRO A 239 4.57 12.99 31.58
CA PRO A 239 3.18 13.07 32.08
C PRO A 239 2.64 14.45 32.45
N ASN A 240 3.51 15.42 32.70
CA ASN A 240 3.09 16.78 33.10
C ASN A 240 2.87 17.76 31.94
N LEU A 241 3.05 17.31 30.69
CA LEU A 241 2.79 18.20 29.55
C LEU A 241 1.31 18.56 29.38
N SER A 242 1.05 19.79 28.95
CA SER A 242 -0.28 20.25 28.57
C SER A 242 -0.62 19.66 27.22
N ALA A 243 -1.90 19.67 26.85
CA ALA A 243 -2.32 19.23 25.51
C ALA A 243 -1.65 20.02 24.39
N SER A 244 -1.54 21.35 24.54
CA SER A 244 -0.88 22.18 23.52
C SER A 244 0.62 21.87 23.41
N GLN A 245 1.27 21.50 24.52
CA GLN A 245 2.68 21.10 24.50
C GLN A 245 2.87 19.80 23.75
N VAL A 246 1.97 18.85 23.95
CA VAL A 246 2.03 17.56 23.22
C VAL A 246 1.80 17.83 21.72
N ARG A 247 0.79 18.62 21.43
CA ARG A 247 0.45 18.94 20.07
C ARG A 247 1.60 19.65 19.35
N ASN A 248 2.24 20.61 20.02
CA ASN A 248 3.32 21.38 19.41
C ASN A 248 4.55 20.52 19.20
N ARG A 249 4.78 19.56 20.09
CA ARG A 249 5.88 18.61 19.92
C ARG A 249 5.66 17.80 18.64
N LEU A 250 4.42 17.34 18.43
CA LEU A 250 4.13 16.50 17.25
C LEU A 250 4.32 17.26 15.94
N SER A 251 3.87 18.50 15.88
CA SER A 251 3.97 19.27 14.62
C SER A 251 5.38 19.84 14.39
N SER A 252 6.03 20.33 15.46
CA SER A 252 7.35 21.00 15.34
C SER A 252 8.50 20.08 15.02
N THR A 253 8.35 18.78 15.32
CA THR A 253 9.40 17.77 15.07
C THR A 253 9.08 16.83 13.91
N ALA A 254 7.99 17.08 13.20
CA ALA A 254 7.59 16.24 12.05
C ALA A 254 8.61 16.41 10.91
N THR A 255 8.74 15.37 10.10
CA THR A 255 9.62 15.36 8.95
C THR A 255 8.96 16.04 7.75
N TYR A 256 9.51 17.16 7.30
CA TYR A 256 8.95 17.91 6.19
C TYR A 256 8.94 17.04 4.92
N LEU A 257 7.79 17.01 4.27
CA LEU A 257 7.57 16.23 3.03
C LEU A 257 7.27 17.07 1.78
N GLY A 258 7.01 18.36 1.96
CA GLY A 258 6.52 19.23 0.89
C GLY A 258 5.54 20.30 1.35
N SER A 259 4.94 20.98 0.36
CA SER A 259 3.99 22.07 0.59
C SER A 259 2.99 21.75 1.70
N SER A 260 2.83 22.68 2.63
CA SER A 260 1.93 22.47 3.78
C SER A 260 0.46 22.27 3.40
N PHE A 261 0.03 22.80 2.26
CA PHE A 261 -1.32 22.56 1.73
C PHE A 261 -1.66 21.05 1.59
N TYR A 262 -0.68 20.28 1.12
CA TYR A 262 -0.80 18.84 0.89
C TYR A 262 -0.29 17.95 2.04
N TYR A 263 0.65 18.45 2.85
CA TYR A 263 1.35 17.63 3.86
C TYR A 263 1.35 18.16 5.28
N GLY A 264 0.75 19.32 5.54
CA GLY A 264 0.97 20.04 6.79
C GLY A 264 2.45 20.18 7.10
N LYS A 265 2.82 19.98 8.35
CA LYS A 265 4.22 20.00 8.76
C LYS A 265 5.00 18.71 8.40
N GLY A 266 4.29 17.67 7.94
CA GLY A 266 4.90 16.46 7.39
C GLY A 266 4.60 15.25 8.25
N LEU A 267 5.41 14.20 8.09
CA LEU A 267 5.24 12.92 8.78
C LEU A 267 5.66 13.01 10.24
N ILE A 268 4.79 12.61 11.16
CA ILE A 268 5.20 12.61 12.57
C ILE A 268 6.40 11.71 12.82
N ASN A 269 7.25 12.18 13.72
CA ASN A 269 8.38 11.48 14.25
C ASN A 269 8.27 11.52 15.77
N VAL A 270 7.70 10.47 16.36
CA VAL A 270 7.45 10.47 17.80
C VAL A 270 8.73 10.34 18.63
N GLU A 271 9.79 9.78 18.07
CA GLU A 271 11.10 9.78 18.77
C GLU A 271 11.57 11.22 18.99
N ALA A 272 11.51 12.03 17.93
CA ALA A 272 11.90 13.43 18.01
C ALA A 272 10.93 14.21 18.90
N ALA A 273 9.63 13.91 18.79
CA ALA A 273 8.59 14.61 19.52
C ALA A 273 8.68 14.36 21.03
N ALA A 274 9.17 13.19 21.41
CA ALA A 274 9.25 12.77 22.81
C ALA A 274 10.63 13.02 23.42
N GLN A 275 11.55 13.66 22.69
CA GLN A 275 12.90 13.99 23.21
C GLN A 275 12.83 14.75 24.53
N ALA B 2 17.15 14.28 -0.82
CA ALA B 2 16.43 14.26 -2.09
C ALA B 2 16.29 12.86 -2.79
N GLN B 3 17.05 11.84 -2.37
CA GLN B 3 16.73 10.44 -2.74
C GLN B 3 15.85 9.79 -1.68
N THR B 4 14.86 9.02 -2.15
CA THR B 4 13.92 8.24 -1.35
C THR B 4 14.31 6.76 -1.52
N VAL B 5 14.28 6.01 -0.45
CA VAL B 5 14.48 4.56 -0.51
C VAL B 5 13.08 3.91 -0.46
N PRO B 6 12.61 3.33 -1.58
CA PRO B 6 11.33 2.63 -1.58
C PRO B 6 11.31 1.52 -0.55
N TYR B 7 10.15 1.23 0.02
CA TYR B 7 10.05 0.30 1.15
C TYR B 7 10.55 -1.10 0.85
N GLY B 8 10.49 -1.52 -0.40
CA GLY B 8 10.91 -2.86 -0.76
C GLY B 8 12.37 -3.14 -0.57
N ILE B 9 13.21 -2.10 -0.67
CA ILE B 9 14.65 -2.27 -0.51
C ILE B 9 15.03 -2.74 0.90
N PRO B 10 14.65 -2.03 1.97
CA PRO B 10 14.87 -2.57 3.32
C PRO B 10 14.05 -3.82 3.65
N LEU B 11 12.86 -3.98 3.07
CA LEU B 11 12.04 -5.13 3.44
C LEU B 11 12.70 -6.47 3.03
N ILE B 12 13.35 -6.49 1.85
CA ILE B 12 14.11 -7.67 1.41
C ILE B 12 15.55 -7.66 1.93
N LYS B 13 15.95 -6.60 2.64
CA LYS B 13 17.28 -6.45 3.26
C LYS B 13 18.37 -6.19 2.21
N ALA B 14 17.98 -5.63 1.06
CA ALA B 14 18.94 -5.20 0.07
C ALA B 14 19.85 -4.08 0.57
N ASP B 15 19.34 -3.22 1.47
CA ASP B 15 20.19 -2.18 2.10
C ASP B 15 21.38 -2.75 2.87
N LYS B 16 21.19 -3.90 3.51
CA LYS B 16 22.24 -4.56 4.27
C LYS B 16 23.34 -5.06 3.34
N VAL B 17 22.95 -5.68 2.22
CA VAL B 17 23.92 -6.17 1.24
C VAL B 17 24.66 -5.00 0.56
N GLN B 18 23.94 -3.94 0.24
CA GLN B 18 24.55 -2.73 -0.34
C GLN B 18 25.58 -2.11 0.60
N ALA B 19 25.36 -2.21 1.91
CA ALA B 19 26.29 -1.68 2.93
C ALA B 19 27.58 -2.50 2.99
N GLN B 20 27.50 -3.79 2.63
CA GLN B 20 28.70 -4.64 2.41
C GLN B 20 29.49 -4.27 1.13
N GLY B 21 28.92 -3.43 0.28
CA GLY B 21 29.51 -2.95 -0.94
C GLY B 21 28.97 -3.58 -2.20
N PHE B 22 28.15 -4.63 -2.05
CA PHE B 22 27.66 -5.40 -3.18
C PHE B 22 26.36 -4.79 -3.66
N LYS B 23 26.42 -4.27 -4.88
CA LYS B 23 25.36 -3.45 -5.49
C LYS B 23 25.00 -3.92 -6.92
N GLY B 24 25.51 -5.07 -7.36
CA GLY B 24 25.24 -5.58 -8.70
C GLY B 24 26.22 -5.21 -9.78
N ALA B 25 27.34 -4.57 -9.43
CA ALA B 25 28.36 -4.19 -10.43
C ALA B 25 28.80 -5.38 -11.29
N ASN B 26 28.89 -5.10 -12.58
CA ASN B 26 29.20 -6.03 -13.66
C ASN B 26 28.27 -7.24 -13.83
N VAL B 27 27.10 -7.18 -13.21
CA VAL B 27 26.06 -8.19 -13.42
C VAL B 27 25.09 -7.59 -14.45
N LYS B 28 24.82 -8.35 -15.51
CA LYS B 28 24.02 -7.93 -16.64
C LYS B 28 22.60 -8.43 -16.45
N VAL B 29 21.66 -7.50 -16.27
CA VAL B 29 20.25 -7.80 -16.08
C VAL B 29 19.46 -7.27 -17.25
N ALA B 30 18.72 -8.16 -17.92
CA ALA B 30 17.83 -7.79 -19.01
C ALA B 30 16.40 -7.71 -18.48
N VAL B 31 15.75 -6.56 -18.70
CA VAL B 31 14.36 -6.34 -18.38
C VAL B 31 13.61 -6.53 -19.68
N LEU B 32 12.94 -7.68 -19.81
CA LEU B 32 12.12 -8.02 -20.98
C LEU B 32 10.74 -7.43 -20.74
N ASP B 33 10.44 -6.32 -21.43
CA ASP B 33 9.27 -5.52 -21.10
C ASP B 33 8.92 -4.50 -22.22
N THR B 34 8.28 -3.39 -21.87
CA THR B 34 7.85 -2.38 -22.78
C THR B 34 8.97 -1.37 -23.15
N GLY B 35 10.24 -1.74 -22.93
CA GLY B 35 11.35 -0.82 -23.06
C GLY B 35 11.70 -0.19 -21.76
N ILE B 36 12.67 0.72 -21.80
CA ILE B 36 13.05 1.55 -20.67
C ILE B 36 13.29 2.95 -21.18
N GLN B 37 12.85 3.97 -20.44
CA GLN B 37 13.18 5.37 -20.78
C GLN B 37 14.63 5.61 -20.38
N ALA B 38 15.56 5.34 -21.31
CA ALA B 38 16.98 5.45 -21.00
C ALA B 38 17.39 6.86 -20.59
N SER B 39 16.70 7.88 -21.09
CA SER B 39 17.00 9.27 -20.77
C SER B 39 16.56 9.73 -19.36
N HIS B 40 15.88 8.86 -18.62
CA HIS B 40 15.50 9.14 -17.22
C HIS B 40 16.80 9.40 -16.44
N PRO B 41 16.86 10.48 -15.67
CA PRO B 41 18.07 10.79 -14.87
C PRO B 41 18.46 9.72 -13.86
N ASP B 42 17.50 8.91 -13.43
CA ASP B 42 17.77 7.89 -12.41
C ASP B 42 17.98 6.49 -12.96
N LEU B 43 18.21 6.35 -14.27
CA LEU B 43 18.49 5.04 -14.89
C LEU B 43 19.64 5.15 -15.88
N ASN B 44 20.52 4.13 -15.90
CA ASN B 44 21.60 4.00 -16.89
C ASN B 44 21.41 2.71 -17.65
N VAL B 45 20.82 2.81 -18.84
CA VAL B 45 20.65 1.70 -19.76
C VAL B 45 21.88 1.65 -20.65
N VAL B 46 22.56 0.51 -20.63
CA VAL B 46 23.82 0.32 -21.36
C VAL B 46 23.64 -0.40 -22.70
N GLY B 47 22.49 -1.02 -22.92
CA GLY B 47 22.24 -1.72 -24.18
C GLY B 47 20.89 -2.38 -24.20
N GLY B 48 20.70 -3.28 -25.14
CA GLY B 48 19.44 -3.93 -25.37
C GLY B 48 19.10 -4.17 -26.82
N ALA B 49 17.83 -4.48 -27.04
CA ALA B 49 17.31 -4.80 -28.36
C ALA B 49 15.81 -4.70 -28.37
N SER B 50 15.22 -4.40 -29.53
CA SER B 50 13.78 -4.35 -29.70
C SER B 50 13.32 -5.39 -30.70
N PHE B 51 12.27 -6.11 -30.32
CA PHE B 51 11.55 -7.06 -31.16
C PHE B 51 10.08 -6.61 -31.35
N VAL B 52 9.85 -5.32 -31.21
CA VAL B 52 8.59 -4.67 -31.51
C VAL B 52 8.86 -3.72 -32.69
N ALA B 53 8.16 -3.95 -33.81
CA ALA B 53 8.38 -3.15 -35.02
C ALA B 53 7.97 -1.71 -34.79
N GLY B 54 8.78 -0.78 -35.30
CA GLY B 54 8.52 0.65 -35.17
C GLY B 54 8.83 1.27 -33.81
N GLU B 55 9.45 0.50 -32.90
CA GLU B 55 9.79 0.96 -31.54
C GLU B 55 11.25 0.63 -31.20
N ALA B 56 11.98 1.62 -30.70
CA ALA B 56 13.37 1.45 -30.28
C ALA B 56 13.42 0.85 -28.88
N TYR B 57 14.52 0.19 -28.54
CA TYR B 57 14.66 -0.48 -27.23
C TYR B 57 14.78 0.49 -26.05
N ASN B 58 15.31 1.68 -26.32
CA ASN B 58 15.67 2.67 -25.30
C ASN B 58 14.64 3.78 -25.08
N THR B 59 13.41 3.53 -25.53
CA THR B 59 12.24 4.34 -25.17
C THR B 59 11.16 3.45 -24.58
N ASP B 60 10.25 4.07 -23.85
CA ASP B 60 9.16 3.37 -23.20
C ASP B 60 7.91 4.26 -23.29
N GLY B 61 7.06 3.93 -24.26
CA GLY B 61 5.76 4.57 -24.43
C GLY B 61 4.66 4.11 -23.48
N ASN B 62 4.92 3.09 -22.66
CA ASN B 62 3.95 2.61 -21.67
C ASN B 62 4.20 3.12 -20.27
N GLY B 63 5.42 2.90 -19.80
CA GLY B 63 5.85 3.24 -18.45
C GLY B 63 6.18 2.04 -17.58
N HIS B 64 5.58 0.90 -17.86
CA HIS B 64 5.74 -0.34 -17.09
C HIS B 64 7.20 -0.76 -17.01
N GLY B 65 7.87 -0.86 -18.14
CA GLY B 65 9.23 -1.34 -18.17
C GLY B 65 10.20 -0.41 -17.44
N THR B 66 9.94 0.89 -17.46
CA THR B 66 10.74 1.88 -16.74
C THR B 66 10.58 1.70 -15.22
N HIS B 67 9.37 1.40 -14.79
CA HIS B 67 9.03 1.17 -13.36
C HIS B 67 9.77 -0.08 -12.85
N VAL B 68 9.62 -1.17 -13.60
CA VAL B 68 10.29 -2.44 -13.30
C VAL B 68 11.79 -2.23 -13.23
N ALA B 69 12.34 -1.54 -14.22
CA ALA B 69 13.77 -1.30 -14.30
C ALA B 69 14.28 -0.51 -13.11
N GLY B 70 13.50 0.45 -12.62
CA GLY B 70 13.94 1.26 -11.48
C GLY B 70 13.94 0.48 -10.17
N THR B 71 13.06 -0.50 -10.03
CA THR B 71 13.08 -1.38 -8.88
C THR B 71 14.37 -2.21 -8.91
N VAL B 72 14.79 -2.67 -10.08
CA VAL B 72 16.08 -3.39 -10.18
C VAL B 72 17.25 -2.43 -9.92
N ALA B 73 17.22 -1.25 -10.51
CA ALA B 73 18.47 -0.52 -10.82
C ALA B 73 18.47 1.00 -10.73
N ALA B 74 17.46 1.64 -10.10
CA ALA B 74 17.47 3.08 -10.03
C ALA B 74 18.79 3.50 -9.34
N LEU B 75 19.42 4.53 -9.88
CA LEU B 75 20.77 4.90 -9.48
C LEU B 75 20.83 5.48 -8.08
N ASP B 76 21.96 5.21 -7.41
CA ASP B 76 22.25 5.69 -6.08
C ASP B 76 22.91 7.08 -6.22
N ASN B 77 22.12 8.11 -5.94
CA ASN B 77 22.52 9.50 -6.13
C ASN B 77 21.69 10.41 -5.19
N THR B 78 21.55 11.70 -5.51
CA THR B 78 20.75 12.61 -4.68
C THR B 78 19.33 12.87 -5.21
N THR B 79 18.80 11.99 -6.06
CA THR B 79 17.48 12.18 -6.65
C THR B 79 16.69 10.88 -6.75
N GLY B 80 15.39 11.04 -6.92
CA GLY B 80 14.52 9.93 -7.21
C GLY B 80 14.51 8.85 -6.17
N VAL B 81 14.67 7.61 -6.64
CA VAL B 81 14.59 6.42 -5.82
C VAL B 81 15.92 5.65 -5.84
N LEU B 82 15.92 4.42 -5.32
CA LEU B 82 17.10 3.57 -5.22
C LEU B 82 16.69 2.15 -5.60
N GLY B 83 17.41 1.55 -6.53
CA GLY B 83 17.19 0.17 -6.92
C GLY B 83 17.73 -0.81 -5.91
N VAL B 84 17.27 -2.04 -6.01
CA VAL B 84 17.79 -3.15 -5.23
C VAL B 84 19.29 -3.38 -5.51
N ALA B 85 19.66 -3.23 -6.77
CA ALA B 85 21.00 -3.48 -7.26
C ALA B 85 21.41 -2.29 -8.15
N PRO B 86 21.70 -1.16 -7.52
CA PRO B 86 21.85 0.13 -8.25
C PRO B 86 23.09 0.23 -9.18
N SER B 87 24.06 -0.68 -9.05
CA SER B 87 25.24 -0.72 -9.95
C SER B 87 25.16 -1.74 -11.11
N VAL B 88 24.01 -2.36 -11.30
CA VAL B 88 23.79 -3.31 -12.38
C VAL B 88 24.03 -2.67 -13.76
N SER B 89 24.53 -3.49 -14.68
CA SER B 89 24.53 -3.19 -16.11
C SER B 89 23.14 -3.55 -16.63
N LEU B 90 22.38 -2.52 -16.98
CA LEU B 90 20.96 -2.63 -17.25
C LEU B 90 20.70 -2.65 -18.76
N TYR B 91 19.94 -3.65 -19.22
CA TYR B 91 19.63 -3.85 -20.62
C TYR B 91 18.12 -3.83 -20.81
N ALA B 92 17.65 -3.03 -21.77
CA ALA B 92 16.23 -2.97 -22.14
C ALA B 92 16.00 -3.90 -23.31
N VAL B 93 15.27 -4.99 -23.11
CA VAL B 93 14.89 -5.90 -24.18
C VAL B 93 13.38 -5.72 -24.41
N LYS B 94 13.01 -5.02 -25.47
CA LYS B 94 11.61 -4.66 -25.71
C LYS B 94 10.88 -5.81 -26.39
N VAL B 95 10.06 -6.52 -25.64
CA VAL B 95 9.22 -7.62 -26.15
C VAL B 95 7.71 -7.33 -26.06
N LEU B 96 7.35 -6.19 -25.43
CA LEU B 96 5.99 -5.70 -25.37
C LEU B 96 5.94 -4.32 -25.96
N ASN B 97 4.83 -3.98 -26.61
CA ASN B 97 4.65 -2.66 -27.22
C ASN B 97 4.18 -1.63 -26.16
N SER B 98 3.88 -0.42 -26.61
CA SER B 98 3.49 0.66 -25.72
C SER B 98 2.12 0.45 -25.03
N SER B 99 1.29 -0.44 -25.57
CA SER B 99 0.06 -0.91 -24.92
C SER B 99 0.27 -2.00 -23.87
N GLY B 100 1.52 -2.42 -23.65
CA GLY B 100 1.83 -3.46 -22.69
C GLY B 100 1.45 -4.85 -23.10
N SER B 101 1.50 -5.14 -24.40
CA SER B 101 1.04 -6.39 -24.99
C SER B 101 2.07 -6.94 -25.98
N GLY B 102 2.04 -8.22 -26.23
CA GLY B 102 3.08 -8.87 -27.04
C GLY B 102 2.72 -10.27 -27.49
N SER B 103 3.46 -10.76 -28.47
CA SER B 103 3.34 -12.15 -28.94
C SER B 103 4.34 -13.01 -28.22
N TYR B 104 4.03 -14.29 -28.10
CA TYR B 104 4.98 -15.28 -27.58
C TYR B 104 6.27 -15.34 -28.39
N SER B 105 6.20 -15.14 -29.71
CA SER B 105 7.41 -15.15 -30.55
C SER B 105 8.35 -13.98 -30.23
N GLY B 106 7.80 -12.83 -29.87
CA GLY B 106 8.58 -11.69 -29.41
C GLY B 106 9.24 -11.95 -28.07
N ILE B 107 8.54 -12.62 -27.15
CA ILE B 107 9.15 -12.96 -25.85
C ILE B 107 10.28 -13.95 -26.04
N VAL B 108 10.09 -14.95 -26.88
CA VAL B 108 11.12 -15.95 -27.19
C VAL B 108 12.35 -15.29 -27.78
N SER B 109 12.13 -14.35 -28.70
CA SER B 109 13.22 -13.62 -29.33
C SER B 109 14.06 -12.86 -28.29
N GLY B 110 13.39 -12.26 -27.30
CA GLY B 110 14.08 -11.54 -26.25
C GLY B 110 14.87 -12.42 -25.32
N ILE B 111 14.32 -13.59 -24.98
CA ILE B 111 14.99 -14.55 -24.11
C ILE B 111 16.23 -15.07 -24.83
N GLU B 112 16.12 -15.37 -26.11
CA GLU B 112 17.24 -15.89 -26.89
C GLU B 112 18.32 -14.81 -27.01
N TRP B 113 17.92 -13.56 -27.24
CA TRP B 113 18.84 -12.43 -27.29
C TRP B 113 19.60 -12.32 -25.98
N ALA B 114 18.89 -12.43 -24.87
CA ALA B 114 19.48 -12.25 -23.56
C ALA B 114 20.51 -13.31 -23.28
N THR B 115 20.19 -14.55 -23.63
CA THR B 115 21.10 -15.66 -23.38
C THR B 115 22.38 -15.42 -24.19
N THR B 116 22.22 -15.20 -25.49
CA THR B 116 23.35 -15.03 -26.40
C THR B 116 24.24 -13.85 -26.06
N ASN B 117 23.66 -12.77 -25.57
CA ASN B 117 24.39 -11.56 -25.25
C ASN B 117 24.99 -11.55 -23.84
N GLY B 118 24.92 -12.68 -23.15
CA GLY B 118 25.64 -12.85 -21.90
C GLY B 118 24.96 -12.26 -20.71
N MET B 119 23.63 -12.12 -20.75
CA MET B 119 22.89 -11.68 -19.59
C MET B 119 23.04 -12.72 -18.48
N ASP B 120 23.17 -12.20 -17.26
CA ASP B 120 23.22 -13.01 -16.05
C ASP B 120 21.85 -13.25 -15.42
N VAL B 121 20.93 -12.30 -15.61
CA VAL B 121 19.58 -12.34 -15.04
C VAL B 121 18.60 -11.83 -16.09
N ILE B 122 17.47 -12.51 -16.25
CA ILE B 122 16.34 -12.06 -17.06
C ILE B 122 15.17 -11.80 -16.11
N ASN B 123 14.53 -10.66 -16.28
CA ASN B 123 13.28 -10.35 -15.58
C ASN B 123 12.16 -10.23 -16.58
N MET B 124 11.06 -10.95 -16.31
CA MET B 124 9.88 -10.98 -17.15
C MET B 124 8.66 -10.68 -16.28
N SER B 125 8.35 -9.40 -16.18
CA SER B 125 7.18 -8.91 -15.46
C SER B 125 5.98 -8.92 -16.43
N LEU B 126 5.63 -10.13 -16.83
CA LEU B 126 4.67 -10.39 -17.92
C LEU B 126 4.23 -11.84 -17.87
N GLY B 127 3.08 -12.11 -18.44
CA GLY B 127 2.51 -13.43 -18.41
C GLY B 127 1.46 -13.64 -19.46
N GLY B 128 1.11 -14.90 -19.62
CA GLY B 128 0.05 -15.34 -20.52
C GLY B 128 -0.62 -16.56 -19.92
N ALA B 129 -1.83 -16.85 -20.37
CA ALA B 129 -2.66 -17.91 -19.80
C ALA B 129 -2.15 -19.30 -20.12
N SER B 130 -1.67 -19.49 -21.35
CA SER B 130 -1.14 -20.78 -21.80
C SER B 130 0.33 -20.67 -22.08
N GLY B 131 1.00 -21.80 -22.18
CA GLY B 131 2.38 -21.78 -22.60
C GLY B 131 2.51 -21.58 -24.10
N SER B 132 3.73 -21.71 -24.57
CA SER B 132 4.01 -22.19 -25.92
C SER B 132 5.22 -23.15 -25.84
N THR B 133 5.34 -24.08 -26.79
CA THR B 133 6.48 -25.01 -26.81
C THR B 133 7.80 -24.25 -26.93
N ALA B 134 7.82 -23.22 -27.79
CA ALA B 134 9.00 -22.39 -27.99
C ALA B 134 9.39 -21.58 -26.76
N MET B 135 8.39 -21.14 -25.98
CA MET B 135 8.67 -20.37 -24.76
C MET B 135 9.27 -21.27 -23.70
N LYS B 136 8.72 -22.47 -23.52
CA LYS B 136 9.26 -23.47 -22.61
C LYS B 136 10.71 -23.79 -22.95
N GLN B 137 11.00 -24.00 -24.23
CA GLN B 137 12.36 -24.30 -24.66
C GLN B 137 13.31 -23.12 -24.44
N ALA B 138 12.81 -21.90 -24.64
CA ALA B 138 13.62 -20.70 -24.50
C ALA B 138 14.05 -20.49 -23.03
N VAL B 139 13.11 -20.61 -22.10
CA VAL B 139 13.42 -20.41 -20.67
C VAL B 139 14.24 -21.57 -20.12
N ASP B 140 13.93 -22.80 -20.54
CA ASP B 140 14.70 -23.98 -20.13
C ASP B 140 16.14 -23.89 -20.60
N ASN B 141 16.35 -23.41 -21.82
CA ASN B 141 17.70 -23.28 -22.39
C ASN B 141 18.50 -22.17 -21.71
N ALA B 142 17.85 -21.03 -21.47
CA ALA B 142 18.49 -19.89 -20.80
C ALA B 142 18.98 -20.30 -19.42
N TYR B 143 18.12 -20.98 -18.65
CA TYR B 143 18.46 -21.46 -17.31
C TYR B 143 19.60 -22.50 -17.34
N ALA B 144 19.50 -23.44 -18.26
CA ALA B 144 20.53 -24.47 -18.44
C ALA B 144 21.91 -23.86 -18.80
N ARG B 145 21.90 -22.71 -19.48
CA ARG B 145 23.13 -22.01 -19.84
C ARG B 145 23.57 -20.91 -18.86
N GLY B 146 23.03 -20.93 -17.65
CA GLY B 146 23.53 -20.14 -16.54
C GLY B 146 22.81 -18.84 -16.26
N VAL B 147 21.69 -18.58 -16.95
CA VAL B 147 20.88 -17.37 -16.68
C VAL B 147 19.84 -17.62 -15.56
N VAL B 148 19.84 -16.75 -14.55
CA VAL B 148 18.78 -16.72 -13.55
C VAL B 148 17.54 -16.07 -14.21
N VAL B 149 16.48 -16.84 -14.38
CA VAL B 149 15.24 -16.41 -15.04
C VAL B 149 14.17 -16.20 -13.98
N VAL B 150 13.63 -14.98 -13.93
CA VAL B 150 12.69 -14.51 -12.90
C VAL B 150 11.46 -13.99 -13.60
N ALA B 151 10.28 -14.35 -13.11
CA ALA B 151 9.03 -13.87 -13.70
C ALA B 151 7.96 -13.63 -12.64
N ALA B 152 7.13 -12.63 -12.89
CA ALA B 152 5.94 -12.39 -12.08
C ALA B 152 5.01 -13.60 -12.13
N ALA B 153 4.50 -14.02 -10.97
CA ALA B 153 3.69 -15.25 -10.89
C ALA B 153 2.36 -15.14 -11.60
N GLY B 154 1.77 -13.95 -11.56
CA GLY B 154 0.43 -13.70 -12.09
C GLY B 154 -0.39 -12.89 -11.09
N ASN B 155 -1.40 -12.19 -11.60
CA ASN B 155 -2.34 -11.41 -10.79
C ASN B 155 -3.75 -11.97 -10.82
N SER B 156 -3.86 -13.29 -10.83
CA SER B 156 -5.17 -13.96 -11.04
C SER B 156 -5.81 -14.41 -9.74
N GLY B 157 -5.19 -14.09 -8.61
CA GLY B 157 -5.83 -14.25 -7.32
C GLY B 157 -5.94 -15.70 -6.91
N ASN B 158 -6.89 -15.95 -6.03
CA ASN B 158 -7.23 -17.28 -5.60
C ASN B 158 -8.75 -17.50 -5.70
N SER B 159 -9.15 -18.74 -5.85
CA SER B 159 -10.54 -19.14 -5.88
C SER B 159 -10.53 -20.63 -5.54
N GLY B 160 -10.71 -20.94 -4.26
CA GLY B 160 -10.58 -22.31 -3.77
C GLY B 160 -9.19 -22.86 -4.03
N SER B 161 -9.13 -24.08 -4.56
CA SER B 161 -7.85 -24.78 -4.82
C SER B 161 -7.32 -24.62 -6.27
N THR B 162 -7.83 -23.62 -7.01
CA THR B 162 -7.45 -23.43 -8.40
C THR B 162 -6.01 -22.91 -8.47
N ASN B 163 -5.18 -23.55 -9.28
CA ASN B 163 -3.86 -23.04 -9.61
C ASN B 163 -4.02 -21.87 -10.62
N THR B 164 -3.56 -20.68 -10.25
CA THR B 164 -3.69 -19.48 -11.09
C THR B 164 -2.35 -18.87 -11.57
N ILE B 165 -1.27 -19.64 -11.47
CA ILE B 165 0.05 -19.23 -11.96
C ILE B 165 0.01 -19.23 -13.50
N GLY B 166 0.53 -18.17 -14.12
CA GLY B 166 0.62 -18.10 -15.57
C GLY B 166 2.02 -18.42 -16.05
N TYR B 167 2.21 -18.26 -17.34
CA TYR B 167 3.46 -18.58 -18.03
C TYR B 167 4.15 -17.30 -18.44
N PRO B 168 5.48 -17.21 -18.44
CA PRO B 168 6.43 -18.31 -18.17
C PRO B 168 6.72 -18.66 -16.71
N ALA B 169 6.09 -18.01 -15.72
CA ALA B 169 6.41 -18.29 -14.31
C ALA B 169 6.21 -19.76 -13.92
N LYS B 170 5.21 -20.41 -14.53
CA LYS B 170 4.82 -21.78 -14.18
C LYS B 170 5.85 -22.81 -14.62
N TYR B 171 6.71 -22.45 -15.57
CA TYR B 171 7.82 -23.33 -15.99
C TYR B 171 8.84 -23.53 -14.89
N ASP B 172 9.28 -24.78 -14.74
CA ASP B 172 10.25 -25.21 -13.74
C ASP B 172 11.60 -24.49 -13.77
N SER B 173 11.99 -23.95 -14.92
CA SER B 173 13.25 -23.21 -15.10
C SER B 173 13.17 -21.74 -14.67
N VAL B 174 11.98 -21.28 -14.28
CA VAL B 174 11.70 -19.87 -14.01
C VAL B 174 11.25 -19.72 -12.55
N ILE B 175 11.74 -18.67 -11.88
CA ILE B 175 11.33 -18.38 -10.51
C ILE B 175 10.04 -17.60 -10.57
N ALA B 176 8.96 -18.19 -10.05
CA ALA B 176 7.63 -17.57 -10.00
C ALA B 176 7.54 -16.73 -8.76
N VAL B 177 7.38 -15.41 -8.92
CA VAL B 177 7.41 -14.49 -7.79
C VAL B 177 6.03 -13.87 -7.53
N GLY B 178 5.49 -14.12 -6.34
CA GLY B 178 4.25 -13.50 -5.89
C GLY B 178 4.50 -12.18 -5.14
N ALA B 179 3.40 -11.49 -4.78
CA ALA B 179 3.42 -10.13 -4.25
C ALA B 179 2.94 -10.07 -2.82
N VAL B 180 3.73 -9.43 -1.97
CA VAL B 180 3.32 -8.99 -0.65
C VAL B 180 3.28 -7.46 -0.57
N ASP B 181 2.73 -6.95 0.53
CA ASP B 181 2.67 -5.51 0.79
C ASP B 181 3.70 -5.14 1.87
N SER B 182 3.69 -3.91 2.35
CA SER B 182 4.70 -3.45 3.29
C SER B 182 4.56 -4.06 4.68
N ASN B 183 3.40 -4.66 4.97
CA ASN B 183 3.23 -5.45 6.20
C ASN B 183 3.57 -6.95 6.05
N SER B 184 4.18 -7.31 4.91
CA SER B 184 4.52 -8.68 4.52
C SER B 184 3.32 -9.63 4.38
N ASN B 185 2.13 -9.06 4.12
CA ASN B 185 0.95 -9.85 3.81
C ASN B 185 0.77 -9.99 2.31
N ARG B 186 0.29 -11.15 1.89
CA ARG B 186 0.00 -11.41 0.48
C ARG B 186 -1.03 -10.40 -0.06
N ALA B 187 -0.73 -9.86 -1.24
CA ALA B 187 -1.67 -9.03 -1.98
C ALA B 187 -2.73 -9.96 -2.56
N SER B 188 -4.00 -9.54 -2.50
CA SER B 188 -5.14 -10.41 -2.86
C SER B 188 -5.12 -10.85 -4.33
N PHE B 189 -4.59 -10.00 -5.19
CA PHE B 189 -4.44 -10.33 -6.60
C PHE B 189 -3.33 -11.39 -6.88
N SER B 190 -2.43 -11.65 -5.97
CA SER B 190 -1.24 -12.47 -6.28
C SER B 190 -1.63 -13.93 -6.59
N SER B 191 -1.10 -14.49 -7.67
CA SER B 191 -1.47 -15.83 -8.11
C SER B 191 -0.93 -16.87 -7.12
N VAL B 192 -1.55 -18.04 -7.16
CA VAL B 192 -1.35 -19.11 -6.18
C VAL B 192 -1.21 -20.45 -6.88
N GLY B 193 -0.54 -21.39 -6.22
CA GLY B 193 -0.29 -22.72 -6.78
C GLY B 193 1.03 -23.29 -6.42
N ALA B 194 1.23 -24.55 -6.79
CA ALA B 194 2.43 -25.30 -6.43
C ALA B 194 3.71 -24.65 -6.92
N GLU B 195 3.65 -24.00 -8.09
CA GLU B 195 4.83 -23.44 -8.74
C GLU B 195 5.26 -22.11 -8.12
N LEU B 196 4.39 -21.46 -7.35
CA LEU B 196 4.79 -20.25 -6.63
C LEU B 196 6.00 -20.53 -5.76
N GLU B 197 7.03 -19.69 -5.89
CA GLU B 197 8.35 -20.02 -5.38
C GLU B 197 8.78 -19.15 -4.24
N VAL B 198 8.74 -17.84 -4.46
CA VAL B 198 9.01 -16.83 -3.42
C VAL B 198 8.12 -15.62 -3.60
N MET B 199 8.13 -14.75 -2.61
CA MET B 199 7.38 -13.49 -2.64
C MET B 199 8.36 -12.33 -2.51
N ALA B 200 7.92 -11.19 -3.02
CA ALA B 200 8.61 -9.92 -2.88
C ALA B 200 7.57 -8.79 -2.94
N PRO B 201 7.97 -7.57 -2.57
CA PRO B 201 7.06 -6.43 -2.57
C PRO B 201 6.42 -6.13 -3.93
N GLY B 202 5.10 -6.19 -3.99
CA GLY B 202 4.35 -5.88 -5.20
C GLY B 202 3.17 -4.97 -5.01
N ALA B 203 2.87 -4.53 -3.80
CA ALA B 203 1.75 -3.61 -3.55
C ALA B 203 2.32 -2.25 -3.24
N GLY B 204 1.88 -1.23 -3.97
CA GLY B 204 2.25 0.15 -3.69
C GLY B 204 3.74 0.41 -3.83
N VAL B 205 4.31 -0.08 -4.92
CA VAL B 205 5.75 0.04 -5.18
C VAL B 205 6.04 1.32 -5.98
N TYR B 206 6.92 2.13 -5.42
CA TYR B 206 7.33 3.42 -5.95
C TYR B 206 8.64 3.25 -6.72
N SER B 207 8.65 3.73 -7.96
CA SER B 207 9.79 3.57 -8.84
C SER B 207 9.78 4.63 -9.93
N THR B 208 10.81 4.62 -10.76
CA THR B 208 10.90 5.47 -11.96
C THR B 208 9.74 5.28 -12.93
N TYR B 209 9.40 6.35 -13.65
CA TYR B 209 8.27 6.35 -14.59
C TYR B 209 8.50 7.47 -15.63
N PRO B 210 8.16 7.23 -16.91
CA PRO B 210 8.53 8.15 -17.99
C PRO B 210 8.26 9.66 -18.09
N THR B 211 9.19 10.17 -18.87
CA THR B 211 9.62 11.48 -18.81
C THR B 211 9.88 11.93 -17.39
N ASN B 212 10.93 11.31 -16.86
CA ASN B 212 11.74 11.83 -15.78
C ASN B 212 11.02 11.96 -14.46
N THR B 213 10.06 11.07 -14.22
CA THR B 213 9.25 11.14 -13.02
C THR B 213 9.19 9.78 -12.31
N TYR B 214 8.20 9.62 -11.44
CA TYR B 214 8.07 8.49 -10.53
C TYR B 214 6.59 8.17 -10.37
N ALA B 215 6.30 6.92 -10.07
CA ALA B 215 4.93 6.46 -9.90
C ALA B 215 4.83 5.27 -8.97
N THR B 216 3.65 5.08 -8.39
CA THR B 216 3.35 3.96 -7.50
C THR B 216 2.39 3.01 -8.21
N LEU B 217 2.81 1.76 -8.38
CA LEU B 217 2.06 0.72 -9.09
C LEU B 217 1.91 -0.55 -8.24
N ASN B 218 0.91 -1.36 -8.60
CA ASN B 218 0.64 -2.65 -7.99
C ASN B 218 0.78 -3.76 -8.99
N GLY B 219 1.26 -4.93 -8.57
CA GLY B 219 1.29 -6.12 -9.42
C GLY B 219 2.39 -7.07 -9.05
N THR B 220 2.26 -8.33 -9.45
CA THR B 220 3.41 -9.22 -9.37
C THR B 220 4.55 -8.75 -10.29
N SER B 221 4.24 -7.93 -11.31
CA SER B 221 5.25 -7.19 -12.07
C SER B 221 6.24 -6.38 -11.23
N MET B 222 5.75 -5.82 -10.12
CA MET B 222 6.55 -5.02 -9.21
C MET B 222 7.40 -5.90 -8.29
N ALA B 223 6.90 -7.10 -7.98
CA ALA B 223 7.63 -8.05 -7.11
C ALA B 223 8.81 -8.71 -7.82
N SER B 224 8.60 -9.17 -9.03
CA SER B 224 9.63 -9.83 -9.83
C SER B 224 10.98 -9.09 -9.87
N PRO B 225 11.04 -7.79 -10.21
CA PRO B 225 12.33 -7.09 -10.23
C PRO B 225 13.03 -6.98 -8.87
N HIS B 226 12.30 -7.06 -7.75
CA HIS B 226 12.94 -7.17 -6.43
C HIS B 226 13.83 -8.42 -6.38
N VAL B 227 13.29 -9.53 -6.89
CA VAL B 227 14.01 -10.82 -6.92
C VAL B 227 15.12 -10.83 -7.97
N ALA B 228 14.89 -10.22 -9.13
CA ALA B 228 15.91 -10.10 -10.18
C ALA B 228 17.10 -9.27 -9.67
N GLY B 229 16.80 -8.19 -8.98
CA GLY B 229 17.80 -7.35 -8.36
C GLY B 229 18.53 -8.11 -7.27
N ALA B 230 17.80 -8.91 -6.49
CA ALA B 230 18.42 -9.73 -5.43
C ALA B 230 19.40 -10.74 -6.02
N ALA B 231 19.03 -11.37 -7.13
CA ALA B 231 19.90 -12.31 -7.82
C ALA B 231 21.18 -11.60 -8.25
N ALA B 232 21.06 -10.36 -8.71
CA ALA B 232 22.19 -9.57 -9.14
C ALA B 232 23.10 -9.22 -7.96
N LEU B 233 22.53 -8.91 -6.79
CA LEU B 233 23.33 -8.64 -5.59
C LEU B 233 24.13 -9.87 -5.24
N ILE B 234 23.50 -11.04 -5.28
CA ILE B 234 24.15 -12.28 -4.90
C ILE B 234 25.33 -12.56 -5.83
N LEU B 235 25.13 -12.37 -7.13
CA LEU B 235 26.15 -12.64 -8.12
C LEU B 235 27.31 -11.62 -8.05
N SER B 236 27.04 -10.40 -7.66
CA SER B 236 28.13 -9.42 -7.53
C SER B 236 29.04 -9.78 -6.32
N LYS B 237 28.47 -10.43 -5.29
CA LYS B 237 29.25 -10.97 -4.16
C LYS B 237 29.91 -12.35 -4.47
N HIS B 238 29.23 -13.21 -5.24
CA HIS B 238 29.63 -14.60 -5.48
C HIS B 238 29.55 -14.80 -7.00
N PRO B 239 30.47 -14.21 -7.76
CA PRO B 239 30.36 -14.23 -9.23
C PRO B 239 30.41 -15.60 -9.92
N ASN B 240 30.89 -16.67 -9.26
CA ASN B 240 31.01 -17.97 -9.93
C ASN B 240 29.86 -18.97 -9.62
N LEU B 241 28.80 -18.49 -8.99
CA LEU B 241 27.62 -19.30 -8.73
C LEU B 241 26.88 -19.64 -10.01
N SER B 242 26.38 -20.86 -10.09
CA SER B 242 25.48 -21.26 -11.15
C SER B 242 24.10 -20.65 -10.93
N ALA B 243 23.28 -20.67 -11.96
CA ALA B 243 21.88 -20.17 -11.86
C ALA B 243 21.09 -20.88 -10.77
N SER B 244 21.27 -22.20 -10.64
CA SER B 244 20.58 -23.00 -9.64
C SER B 244 21.04 -22.68 -8.23
N GLN B 245 22.32 -22.37 -8.06
CA GLN B 245 22.84 -21.96 -6.77
C GLN B 245 22.26 -20.62 -6.31
N VAL B 246 22.16 -19.64 -7.20
CA VAL B 246 21.55 -18.35 -6.84
C VAL B 246 20.07 -18.56 -6.48
N ARG B 247 19.37 -19.33 -7.31
CA ARG B 247 17.99 -19.63 -7.11
C ARG B 247 17.72 -20.31 -5.77
N ASN B 248 18.55 -21.30 -5.42
CA ASN B 248 18.35 -22.04 -4.20
C ASN B 248 18.73 -21.22 -2.97
N ARG B 249 19.63 -20.26 -3.12
CA ARG B 249 19.94 -19.34 -2.04
C ARG B 249 18.72 -18.48 -1.75
N LEU B 250 18.06 -17.99 -2.80
CA LEU B 250 16.87 -17.15 -2.62
C LEU B 250 15.71 -17.86 -1.93
N SER B 251 15.41 -19.09 -2.37
CA SER B 251 14.28 -19.83 -1.79
C SER B 251 14.58 -20.43 -0.40
N SER B 252 15.80 -20.94 -0.20
CA SER B 252 16.14 -21.61 1.08
C SER B 252 16.33 -20.69 2.25
N THR B 253 16.55 -19.39 1.99
CA THR B 253 16.71 -18.41 3.06
C THR B 253 15.56 -17.42 3.16
N ALA B 254 14.48 -17.66 2.42
CA ALA B 254 13.32 -16.79 2.50
C ALA B 254 12.65 -16.90 3.88
N THR B 255 11.99 -15.82 4.28
CA THR B 255 11.22 -15.75 5.51
C THR B 255 9.86 -16.39 5.32
N TYR B 256 9.60 -17.49 6.05
CA TYR B 256 8.31 -18.17 6.00
C TYR B 256 7.18 -17.22 6.42
N LEU B 257 6.13 -17.11 5.60
CA LEU B 257 4.95 -16.29 5.86
C LEU B 257 3.63 -17.06 6.00
N GLY B 258 3.66 -18.35 5.68
CA GLY B 258 2.45 -19.17 5.61
C GLY B 258 2.49 -20.23 4.54
N SER B 259 1.30 -20.79 4.27
CA SER B 259 1.17 -21.89 3.35
C SER B 259 1.85 -21.63 2.03
N SER B 260 2.60 -22.61 1.54
CA SER B 260 3.32 -22.48 0.28
C SER B 260 2.40 -22.23 -0.94
N PHE B 261 1.16 -22.72 -0.91
CA PHE B 261 0.17 -22.42 -1.95
C PHE B 261 0.01 -20.90 -2.19
N TYR B 262 -0.02 -20.14 -1.11
CA TYR B 262 -0.16 -18.67 -1.13
C TYR B 262 1.16 -17.85 -1.13
N TYR B 263 2.23 -18.43 -0.59
CA TYR B 263 3.46 -17.68 -0.26
C TYR B 263 4.76 -18.31 -0.81
N GLY B 264 4.71 -19.48 -1.43
CA GLY B 264 5.91 -20.25 -1.70
C GLY B 264 6.70 -20.43 -0.42
N LYS B 265 8.02 -20.30 -0.52
CA LYS B 265 8.87 -20.33 0.68
C LYS B 265 8.89 -19.03 1.48
N GLY B 266 8.27 -17.99 0.94
CA GLY B 266 7.99 -16.75 1.65
C GLY B 266 8.76 -15.57 1.08
N LEU B 267 8.94 -14.53 1.90
CA LEU B 267 9.60 -13.28 1.46
C LEU B 267 11.10 -13.43 1.32
N ILE B 268 11.67 -13.05 0.17
CA ILE B 268 13.11 -13.15 0.00
C ILE B 268 13.82 -12.27 1.05
N ASN B 269 14.94 -12.77 1.53
CA ASN B 269 15.87 -12.07 2.39
C ASN B 269 17.22 -12.17 1.70
N VAL B 270 17.61 -11.13 0.98
CA VAL B 270 18.85 -11.17 0.20
C VAL B 270 20.11 -11.12 1.07
N GLU B 271 20.03 -10.55 2.27
CA GLU B 271 21.14 -10.58 3.22
C GLU B 271 21.48 -12.03 3.57
N ALA B 272 20.45 -12.79 3.93
CA ALA B 272 20.63 -14.21 4.21
C ALA B 272 21.05 -14.98 2.96
N ALA B 273 20.44 -14.69 1.83
CA ALA B 273 20.72 -15.40 0.59
C ALA B 273 22.15 -15.18 0.12
N ALA B 274 22.76 -14.03 0.45
CA ALA B 274 24.09 -13.66 -0.03
C ALA B 274 25.19 -13.99 1.00
N GLN B 275 24.87 -14.71 2.07
CA GLN B 275 25.83 -15.08 3.11
C GLN B 275 27.07 -15.78 2.56
N VAL C 135 -25.96 0.28 -3.34
CA VAL C 135 -25.84 1.26 -2.22
C VAL C 135 -27.22 1.66 -1.73
N ASP C 136 -27.41 1.60 -0.40
CA ASP C 136 -28.67 1.96 0.26
C ASP C 136 -28.53 3.31 1.00
N CYS C 137 -29.13 4.37 0.46
CA CYS C 137 -29.08 5.72 1.05
C CYS C 137 -30.37 6.12 1.81
N SER C 138 -31.18 5.12 2.19
CA SER C 138 -32.51 5.34 2.75
C SER C 138 -32.53 6.05 4.09
N GLU C 139 -31.56 5.74 4.95
CA GLU C 139 -31.52 6.30 6.30
C GLU C 139 -30.87 7.72 6.38
N TYR C 140 -30.36 8.23 5.26
CA TYR C 140 -29.59 9.48 5.21
C TYR C 140 -30.54 10.70 5.17
N PRO C 141 -30.12 11.89 5.62
CA PRO C 141 -28.75 12.22 6.07
C PRO C 141 -28.35 11.63 7.44
N LYS C 142 -27.13 11.09 7.49
CA LYS C 142 -26.45 10.70 8.72
C LYS C 142 -25.05 11.33 8.57
N PRO C 143 -24.90 12.58 8.99
CA PRO C 143 -23.77 13.43 8.56
C PRO C 143 -22.36 13.01 9.03
N ALA C 144 -22.25 12.26 10.13
CA ALA C 144 -20.96 11.75 10.58
C ALA C 144 -20.69 10.37 9.97
N CYS C 145 -19.54 10.23 9.35
CA CYS C 145 -19.12 9.00 8.68
C CYS C 145 -17.74 8.60 9.17
N THR C 146 -17.47 7.30 9.21
CA THR C 146 -16.09 6.83 9.30
C THR C 146 -15.29 7.40 8.13
N LEU C 147 -13.98 7.49 8.31
CA LEU C 147 -13.10 7.96 7.25
C LEU C 147 -12.21 6.83 6.70
N GLU C 148 -12.76 5.62 6.61
CA GLU C 148 -12.20 4.59 5.76
C GLU C 148 -12.45 4.99 4.31
N TYR C 149 -11.45 4.79 3.47
CA TYR C 149 -11.53 5.04 2.04
C TYR C 149 -11.88 3.75 1.32
N ARG C 150 -13.12 3.70 0.82
CA ARG C 150 -13.67 2.63 -0.01
C ARG C 150 -14.49 3.35 -1.07
N PRO C 151 -13.81 3.92 -2.07
CA PRO C 151 -14.41 4.95 -2.93
C PRO C 151 -15.57 4.55 -3.82
N LEU C 152 -16.44 5.52 -4.06
CA LEU C 152 -17.50 5.47 -5.08
C LEU C 152 -17.33 6.66 -6.02
N CYS C 153 -17.66 6.47 -7.28
CA CYS C 153 -17.61 7.55 -8.24
C CYS C 153 -19.01 8.01 -8.56
N GLY C 154 -19.26 9.30 -8.36
CA GLY C 154 -20.54 9.91 -8.64
C GLY C 154 -20.71 10.31 -10.09
N SER C 155 -21.95 10.66 -10.42
CA SER C 155 -22.35 11.08 -11.75
C SER C 155 -21.79 12.46 -12.06
N ASP C 156 -21.48 13.20 -10.99
CA ASP C 156 -20.70 14.47 -11.04
C ASP C 156 -19.17 14.37 -11.27
N ASN C 157 -18.68 13.15 -11.56
CA ASN C 157 -17.25 12.85 -11.75
C ASN C 157 -16.34 13.15 -10.52
N LYS C 158 -16.92 13.09 -9.33
CA LYS C 158 -16.20 13.26 -8.07
C LYS C 158 -16.12 11.93 -7.37
N THR C 159 -14.96 11.62 -6.81
CA THR C 159 -14.77 10.44 -5.98
C THR C 159 -15.18 10.71 -4.55
N TYR C 160 -16.15 9.96 -4.08
CA TYR C 160 -16.63 10.04 -2.69
C TYR C 160 -15.89 9.00 -1.88
N GLY C 161 -15.45 9.37 -0.68
CA GLY C 161 -14.55 8.51 0.09
C GLY C 161 -15.09 7.15 0.45
N ASN C 162 -16.37 7.09 0.82
CA ASN C 162 -17.08 5.83 1.08
C ASN C 162 -18.59 5.96 0.85
N LYS C 163 -19.34 4.86 1.06
CA LYS C 163 -20.81 4.86 0.89
C LYS C 163 -21.50 5.95 1.71
N CYS C 164 -21.05 6.17 2.94
CA CYS C 164 -21.64 7.17 3.80
C CYS C 164 -21.42 8.60 3.27
N ASN C 165 -20.22 8.91 2.81
CA ASN C 165 -19.93 10.22 2.21
C ASN C 165 -20.79 10.44 0.98
N PHE C 166 -20.91 9.39 0.16
CA PHE C 166 -21.70 9.43 -1.07
C PHE C 166 -23.17 9.69 -0.78
N CYS C 167 -23.75 8.95 0.14
CA CYS C 167 -25.19 9.08 0.45
C CYS C 167 -25.54 10.42 1.08
N ASN C 168 -24.66 10.98 1.89
CA ASN C 168 -24.86 12.35 2.39
C ASN C 168 -24.81 13.38 1.25
N ALA C 169 -23.94 13.17 0.27
CA ALA C 169 -23.87 14.04 -0.90
C ALA C 169 -25.12 13.91 -1.79
N VAL C 170 -25.74 12.70 -1.80
CA VAL C 170 -26.95 12.46 -2.58
C VAL C 170 -28.08 13.28 -2.01
N VAL C 171 -28.28 13.22 -0.69
CA VAL C 171 -29.37 13.99 -0.05
C VAL C 171 -29.16 15.52 -0.12
N GLU C 172 -27.91 15.98 -0.08
CA GLU C 172 -27.59 17.41 -0.27
C GLU C 172 -27.79 17.91 -1.73
N SER C 173 -27.99 16.96 -2.66
CA SER C 173 -27.88 17.18 -4.11
C SER C 173 -29.01 17.72 -4.99
N ASN C 174 -30.32 17.57 -4.76
CA ASN C 174 -31.06 16.81 -3.76
C ASN C 174 -31.68 15.64 -4.56
N GLY C 175 -30.96 14.53 -4.58
CA GLY C 175 -31.28 13.38 -5.42
C GLY C 175 -30.68 13.47 -6.81
N THR C 176 -30.04 14.59 -7.17
CA THR C 176 -29.38 14.76 -8.47
C THR C 176 -28.15 13.87 -8.64
N LEU C 177 -27.39 13.69 -7.58
CA LEU C 177 -26.21 12.89 -7.62
C LEU C 177 -26.66 11.42 -7.62
N THR C 178 -26.15 10.65 -8.57
CA THR C 178 -26.34 9.18 -8.64
C THR C 178 -24.99 8.51 -8.73
N LEU C 179 -25.00 7.19 -8.67
CA LEU C 179 -23.78 6.38 -8.67
C LEU C 179 -23.41 6.05 -10.09
N SER C 180 -22.22 6.42 -10.52
CA SER C 180 -21.67 5.94 -11.79
C SER C 180 -21.15 4.52 -11.65
N HIS C 181 -20.27 4.33 -10.66
CA HIS C 181 -19.72 3.04 -10.34
C HIS C 181 -18.92 3.01 -9.05
N PHE C 182 -18.72 1.83 -8.49
CA PHE C 182 -17.81 1.65 -7.36
C PHE C 182 -16.37 1.86 -7.83
N GLY C 183 -15.57 2.41 -6.93
CA GLY C 183 -14.19 2.78 -7.19
C GLY C 183 -14.02 4.26 -7.52
N LYS C 184 -12.75 4.70 -7.61
CA LYS C 184 -12.37 6.03 -8.08
C LYS C 184 -12.93 6.36 -9.45
N CYS C 185 -13.27 7.63 -9.67
CA CYS C 185 -13.53 8.15 -11.00
C CYS C 185 -12.26 8.15 -11.85
N ASP D 136 -9.86 0.30 -27.25
CA ASP D 136 -9.38 -0.12 -28.62
C ASP D 136 -8.65 -1.49 -28.54
N CYS D 137 -9.35 -2.54 -28.97
CA CYS D 137 -8.86 -3.92 -28.97
C CYS D 137 -8.52 -4.43 -30.37
N SER D 138 -8.32 -3.52 -31.33
CA SER D 138 -8.14 -3.87 -32.73
C SER D 138 -6.86 -4.69 -33.01
N GLU D 139 -5.80 -4.46 -32.24
CA GLU D 139 -4.52 -5.18 -32.40
C GLU D 139 -4.50 -6.63 -31.81
N TYR D 140 -5.50 -6.96 -31.02
CA TYR D 140 -5.55 -8.20 -30.26
C TYR D 140 -6.07 -9.33 -31.15
N PRO D 141 -5.83 -10.61 -30.83
CA PRO D 141 -5.17 -11.09 -29.60
C PRO D 141 -3.66 -10.90 -29.55
N LYS D 142 -3.17 -10.61 -28.35
CA LYS D 142 -1.77 -10.48 -28.02
C LYS D 142 -1.60 -11.18 -26.68
N PRO D 143 -1.26 -12.49 -26.68
CA PRO D 143 -1.35 -13.31 -25.46
C PRO D 143 -0.47 -12.90 -24.26
N ALA D 144 0.65 -12.22 -24.50
CA ALA D 144 1.53 -11.75 -23.44
C ALA D 144 1.11 -10.34 -23.00
N CYS D 145 0.89 -10.18 -21.70
CA CYS D 145 0.54 -8.90 -21.10
C CYS D 145 1.48 -8.60 -19.96
N THR D 146 1.68 -7.34 -19.69
CA THR D 146 2.33 -7.00 -18.46
C THR D 146 1.53 -7.54 -17.27
N LEU D 147 2.23 -7.65 -16.15
CA LEU D 147 1.60 -8.09 -14.91
C LEU D 147 1.47 -6.93 -13.87
N GLU D 148 1.18 -5.74 -14.40
CA GLU D 148 0.64 -4.66 -13.58
C GLU D 148 -0.83 -4.98 -13.31
N TYR D 149 -1.24 -4.91 -12.05
CA TYR D 149 -2.64 -5.00 -11.69
C TYR D 149 -3.26 -3.60 -11.70
N ARG D 150 -4.02 -3.29 -12.76
CA ARG D 150 -4.88 -2.11 -12.79
C ARG D 150 -6.23 -2.55 -13.30
N PRO D 151 -7.02 -3.06 -12.38
CA PRO D 151 -8.24 -3.79 -12.73
C PRO D 151 -9.32 -2.92 -13.42
N LEU D 152 -10.12 -3.60 -14.24
CA LEU D 152 -11.19 -3.08 -15.08
C LEU D 152 -12.37 -4.03 -14.93
N CYS D 153 -13.58 -3.51 -15.02
CA CYS D 153 -14.79 -4.31 -14.93
C CYS D 153 -15.48 -4.38 -16.28
N GLY D 154 -15.63 -5.58 -16.82
CA GLY D 154 -16.36 -5.76 -18.06
C GLY D 154 -17.86 -5.63 -17.90
N SER D 155 -18.54 -5.56 -19.04
CA SER D 155 -20.01 -5.55 -19.08
C SER D 155 -20.56 -6.91 -18.68
N ASP D 156 -19.74 -7.95 -18.82
CA ASP D 156 -20.00 -9.27 -18.21
C ASP D 156 -19.90 -9.38 -16.67
N ASN D 157 -19.69 -8.25 -15.96
CA ASN D 157 -19.47 -8.22 -14.51
C ASN D 157 -18.31 -9.11 -13.98
N LYS D 158 -17.25 -9.22 -14.78
CA LYS D 158 -16.01 -9.92 -14.40
C LYS D 158 -14.89 -8.90 -14.33
N THR D 159 -14.01 -9.03 -13.34
CA THR D 159 -12.84 -8.17 -13.22
C THR D 159 -11.65 -8.73 -14.04
N TYR D 160 -11.08 -7.89 -14.89
CA TYR D 160 -9.88 -8.15 -15.69
C TYR D 160 -8.70 -7.40 -15.08
N GLY D 161 -7.52 -7.98 -15.16
CA GLY D 161 -6.33 -7.47 -14.46
C GLY D 161 -5.73 -6.22 -15.02
N ASN D 162 -5.87 -5.99 -16.31
CA ASN D 162 -5.50 -4.74 -16.96
C ASN D 162 -6.15 -4.68 -18.36
N LYS D 163 -5.92 -3.61 -19.10
CA LYS D 163 -6.52 -3.43 -20.44
C LYS D 163 -6.10 -4.52 -21.43
N CYS D 164 -4.86 -5.02 -21.35
CA CYS D 164 -4.39 -6.09 -22.24
C CYS D 164 -5.16 -7.39 -21.95
N ASN D 165 -5.33 -7.74 -20.68
CA ASN D 165 -6.14 -8.91 -20.33
C ASN D 165 -7.57 -8.77 -20.83
N PHE D 166 -8.13 -7.58 -20.64
CA PHE D 166 -9.50 -7.28 -21.04
C PHE D 166 -9.66 -7.47 -22.54
N CYS D 167 -8.72 -6.97 -23.32
CA CYS D 167 -8.82 -7.04 -24.77
C CYS D 167 -8.67 -8.44 -25.28
N ASN D 168 -7.86 -9.27 -24.63
CA ASN D 168 -7.82 -10.68 -24.96
C ASN D 168 -9.14 -11.37 -24.66
N ALA D 169 -9.82 -10.96 -23.59
CA ALA D 169 -11.15 -11.47 -23.28
C ALA D 169 -12.18 -10.97 -24.30
N VAL D 170 -11.99 -9.77 -24.84
CA VAL D 170 -12.88 -9.23 -25.87
C VAL D 170 -12.75 -10.12 -27.10
N VAL D 171 -11.54 -10.47 -27.50
CA VAL D 171 -11.35 -11.40 -28.63
C VAL D 171 -12.06 -12.74 -28.37
N GLU D 172 -11.93 -13.26 -27.17
CA GLU D 172 -12.59 -14.51 -26.78
C GLU D 172 -14.14 -14.47 -26.92
N SER D 173 -14.74 -13.28 -26.80
CA SER D 173 -16.22 -13.08 -26.62
C SER D 173 -17.42 -12.98 -27.69
N ASN D 174 -17.36 -12.56 -28.96
CA ASN D 174 -16.26 -12.54 -29.95
C ASN D 174 -16.25 -11.12 -30.56
N GLY D 175 -15.51 -10.21 -29.94
CA GLY D 175 -15.71 -8.78 -30.14
C GLY D 175 -16.99 -8.19 -29.53
N THR D 176 -17.70 -8.96 -28.68
CA THR D 176 -19.00 -8.55 -28.10
C THR D 176 -18.90 -7.90 -26.70
N LEU D 177 -17.81 -8.19 -25.98
CA LEU D 177 -17.57 -7.72 -24.62
C LEU D 177 -17.25 -6.22 -24.68
N THR D 178 -17.85 -5.45 -23.77
CA THR D 178 -17.56 -4.02 -23.62
C THR D 178 -17.04 -3.72 -22.22
N LEU D 179 -16.53 -2.51 -22.04
CA LEU D 179 -16.02 -2.05 -20.74
C LEU D 179 -17.15 -1.33 -20.03
N SER D 180 -17.46 -1.77 -18.82
CA SER D 180 -18.37 -1.05 -17.91
C SER D 180 -17.66 0.10 -17.26
N HIS D 181 -16.54 -0.21 -16.58
CA HIS D 181 -15.70 0.82 -16.00
C HIS D 181 -14.30 0.43 -15.58
N PHE D 182 -13.47 1.42 -15.23
CA PHE D 182 -12.18 1.13 -14.59
C PHE D 182 -12.32 0.92 -13.08
N GLY D 183 -11.37 0.18 -12.53
CA GLY D 183 -11.48 -0.39 -11.19
C GLY D 183 -12.17 -1.76 -11.22
N LYS D 184 -12.00 -2.53 -10.15
CA LYS D 184 -12.64 -3.83 -10.01
C LYS D 184 -14.17 -3.68 -9.99
N CYS D 185 -14.85 -4.76 -10.35
CA CYS D 185 -16.31 -4.82 -10.28
C CYS D 185 -16.74 -4.73 -8.81
#